data_6CNV
#
_entry.id   6CNV
#
_cell.length_a   190.780
_cell.length_b   190.780
_cell.length_c   190.780
_cell.angle_alpha   90.00
_cell.angle_beta   90.00
_cell.angle_gamma   90.00
#
_symmetry.space_group_name_H-M   'P 21 3'
#
loop_
_entity.id
_entity.type
_entity.pdbx_description
1 polymer Hemagglutinin
2 polymer 'Envelope glycoprotein'
3 polymer SD84h
4 polymer 'CR9114 Light chain'
5 polymer 'CR9114 Fab heavy chain'
6 branched 2-acetamido-2-deoxy-beta-D-glucopyranose-(1-4)-2-acetamido-2-deoxy-beta-D-glucopyranose
7 non-polymer 2-acetamido-2-deoxy-beta-D-glucopyranose
#
loop_
_entity_poly.entity_id
_entity_poly.type
_entity_poly.pdbx_seq_one_letter_code
_entity_poly.pdbx_strand_id
1 'polypeptide(L)'
;DRICTGITSSNSPHVVKTATQGEVNVTGVIPLTTTPTKSHFANLKGTETRGKLCPKCLNCTDLDVALGRPKCTGKIPSAR
VSILHEVRPVTSGCFPIMHDRTKIRQLPNLLRGYEHIRLSTHNVINAENAPGGPYKIGTSGSCPNITNGNGFFATMAWAV
PKNDKNKTATNPLTIEVPYICTEGEDQITVWGFHSDNETQMAKLYGDSKPQKFTSSANGVTTHYVSQIGGFPNQTEDGGL
PQSGRIVVDYMVQKSGKTGTITYQRGILLPQKVWCASGRSKVIKGSLPLIGEADCLHEKYGGLNKSKPYYTGEHAKAIGN
CPIWVKTPLKLANGTKYRPPAKLLKER
;
A
2 'polypeptide(L)'
;GFFGAIAGFLEGGWEGMIAGWHGYTSHGAHGVAVAADLKSTQEAINKITKNLNSLSELEVKNLQRLSGAMDELHNEILEL
DEKVDDLRADTISSQIELAVLLSNEGIINSEDEHLLALERKLKKMLGPSAVEIGNGCFETKHKCNQTCLDRIAAGTFDAG
EFSLPTFDSLNITASGRLVPRGSPGSGYIPEAPRDGQAYVRKDGEWVLLSTFLGHHHHHH
;
B
3 'polypeptide(L)'
;EVQLVESGGGLVQPGGSLRLSCAASGFTFSTSWMYWLRQAPGKGLEWVSVINTDGGTYYADSVKGRFTISRDNSKNTLYL
QMNSLRAEDTAVYYCAKDWGGPEPTRGQGTLVTVSS
;
C
4 'polypeptide(L)'
;QSALTQPPAVSGTPGQRVTISCSGSDSNIGRRSVNWYQQFPGTAPKLLIYSNDQRPSVVPDRFSGSKSGTSASLAISGLQ
SEDEAEYYCAAWDDSLKGAVFGGGTQLTVLGQPKAAPSVTLFPPSSEELQANKATLVCLISDFYPGAVTVAWKADSSPVK
AGVETTTPSKQSNNKYAASSYLSLTPEQWKSHRSYSCQVTHEGSTVEKTVAPTECS
;
L
5 'polypeptide(L)'
;QVQLVQSGAEVKKPGSSVKVSCKSSGGTSNNYAISWVRQAPGQGLDWMGGISPIFGSTAYAQKFQGRVTISADIFSNTAY
MELNSLTSEDTAVYFCARHGNYYYYSGMDVWGQGTTVTVSSASTKGPSVFPLAPSSKSTSGGTAALGCLVKDYFPEPVTV
SWNSGALTSGVHTFPAVLQSSGLYSLSSVVTVPSSSLGTQTYICNVNHKPSNTKVDKRVEPKSCHHHHHH
;
H
#
loop_
_chem_comp.id
_chem_comp.type
_chem_comp.name
_chem_comp.formula
NAG D-saccharide, beta linking 2-acetamido-2-deoxy-beta-D-glucopyranose 'C8 H15 N O6'
#
# COMPACT_ATOMS: atom_id res chain seq x y z
N ARG A 2 12.04 -57.59 10.58
CA ARG A 2 10.66 -57.21 10.88
C ARG A 2 10.31 -55.85 10.32
N ILE A 3 9.69 -55.83 9.14
CA ILE A 3 9.36 -54.58 8.47
C ILE A 3 7.88 -54.27 8.58
N CYS A 4 7.57 -53.11 9.14
CA CYS A 4 6.19 -52.69 9.33
C CYS A 4 5.88 -51.50 8.45
N THR A 5 4.67 -51.43 7.90
CA THR A 5 4.24 -50.12 7.44
C THR A 5 3.20 -49.61 8.42
N GLY A 6 3.20 -48.30 8.59
CA GLY A 6 2.32 -47.63 9.52
C GLY A 6 2.59 -46.18 9.24
N ILE A 7 2.18 -45.33 10.15
CA ILE A 7 2.34 -43.91 9.96
C ILE A 7 2.93 -43.41 11.26
N THR A 8 3.97 -42.59 11.18
CA THR A 8 4.59 -42.03 12.37
C THR A 8 3.75 -40.85 12.84
N SER A 9 3.76 -40.59 14.14
CA SER A 9 2.98 -39.49 14.65
C SER A 9 3.70 -38.66 15.71
N SER A 10 3.10 -37.52 16.05
CA SER A 10 3.63 -36.63 17.07
C SER A 10 3.29 -37.22 18.44
N ASN A 11 2.41 -38.20 18.41
CA ASN A 11 1.91 -38.89 19.60
C ASN A 11 1.28 -37.95 20.62
N SER A 12 0.66 -36.89 20.10
CA SER A 12 -0.13 -36.00 20.94
C SER A 12 -1.52 -35.87 20.30
N PRO A 13 -2.55 -35.80 21.15
CA PRO A 13 -3.94 -35.67 20.73
C PRO A 13 -4.40 -34.24 20.44
N HIS A 14 -5.14 -34.07 19.35
CA HIS A 14 -5.81 -32.80 19.11
C HIS A 14 -7.19 -33.09 18.58
N VAL A 15 -8.21 -32.65 19.31
CA VAL A 15 -9.57 -32.93 18.93
C VAL A 15 -9.99 -32.07 17.73
N VAL A 16 -10.57 -32.69 16.72
CA VAL A 16 -11.24 -31.92 15.68
C VAL A 16 -12.66 -32.45 15.57
N LYS A 17 -13.52 -31.76 14.83
CA LYS A 17 -14.88 -32.23 14.67
C LYS A 17 -15.14 -32.63 13.23
N THR A 18 -16.01 -33.62 13.03
CA THR A 18 -16.33 -34.04 11.68
C THR A 18 -17.84 -34.00 11.51
N ALA A 19 -18.31 -34.16 10.27
CA ALA A 19 -19.73 -34.03 10.01
C ALA A 19 -20.53 -35.23 10.49
N THR A 20 -19.96 -36.42 10.32
CA THR A 20 -20.67 -37.65 10.67
C THR A 20 -20.01 -38.54 11.71
N GLN A 21 -18.77 -38.25 12.09
CA GLN A 21 -18.08 -39.15 13.02
C GLN A 21 -17.76 -38.50 14.36
N GLY A 22 -18.23 -37.28 14.54
CA GLY A 22 -17.99 -36.55 15.78
C GLY A 22 -16.55 -36.13 15.96
N GLU A 23 -16.15 -36.07 17.24
CA GLU A 23 -14.79 -35.69 17.63
C GLU A 23 -13.78 -36.81 17.31
N VAL A 24 -12.60 -36.41 16.84
CA VAL A 24 -11.54 -37.35 16.49
C VAL A 24 -10.20 -36.75 16.91
N ASN A 25 -9.34 -37.56 17.52
CA ASN A 25 -7.98 -37.13 17.84
C ASN A 25 -7.02 -37.20 16.67
N VAL A 26 -6.32 -36.09 16.40
CA VAL A 26 -5.46 -35.98 15.24
C VAL A 26 -4.08 -35.49 15.71
N THR A 27 -3.05 -35.66 14.88
CA THR A 27 -1.68 -35.38 15.30
C THR A 27 -1.27 -33.94 15.12
N GLY A 28 -2.10 -33.18 14.41
CA GLY A 28 -1.88 -31.75 14.27
C GLY A 28 -3.15 -31.03 13.90
N VAL A 29 -3.16 -29.72 14.12
CA VAL A 29 -4.29 -28.89 13.76
C VAL A 29 -3.79 -27.53 13.27
N ILE A 30 -4.61 -26.86 12.49
CA ILE A 30 -4.34 -25.48 12.13
C ILE A 30 -5.51 -24.62 12.58
N PRO A 31 -5.26 -23.69 13.50
CA PRO A 31 -6.35 -22.81 13.92
C PRO A 31 -6.73 -21.90 12.76
N LEU A 32 -8.03 -21.74 12.50
CA LEU A 32 -8.44 -20.97 11.34
C LEU A 32 -8.94 -19.61 11.78
N THR A 33 -8.89 -19.35 13.08
CA THR A 33 -9.47 -18.12 13.59
C THR A 33 -8.46 -17.43 14.51
N THR A 34 -8.62 -16.13 14.67
CA THR A 34 -8.07 -15.38 15.79
C THR A 34 -9.14 -14.51 16.42
N THR A 35 -8.80 -13.91 17.55
CA THR A 35 -9.65 -12.86 18.09
C THR A 35 -8.83 -11.61 17.86
N PRO A 36 -9.35 -10.70 17.02
CA PRO A 36 -8.68 -9.43 16.71
C PRO A 36 -8.60 -8.50 17.91
N THR A 37 -7.75 -7.48 17.80
CA THR A 37 -7.68 -6.46 18.82
C THR A 37 -7.94 -5.09 18.19
N LYS A 38 -8.35 -4.15 19.03
CA LYS A 38 -8.75 -2.84 18.56
C LYS A 38 -7.58 -1.92 18.27
N SER A 39 -7.69 -1.14 17.19
CA SER A 39 -6.73 -0.08 16.93
C SER A 39 -7.39 1.05 16.14
N HIS A 40 -6.59 2.01 15.69
CA HIS A 40 -7.13 3.16 14.98
C HIS A 40 -7.69 2.76 13.63
N PHE A 41 -8.57 3.60 13.07
CA PHE A 41 -9.02 3.40 11.71
C PHE A 41 -7.95 3.84 10.71
N ALA A 42 -8.11 3.47 9.45
CA ALA A 42 -7.07 3.69 8.45
C ALA A 42 -7.68 3.88 7.08
N ASN A 43 -6.85 4.27 6.11
CA ASN A 43 -7.26 4.22 4.72
C ASN A 43 -7.44 2.75 4.31
N LEU A 44 -8.47 2.47 3.52
CA LEU A 44 -8.65 1.11 3.02
C LEU A 44 -7.72 0.90 1.83
N LYS A 45 -6.87 -0.13 1.90
CA LYS A 45 -5.96 -0.41 0.80
C LYS A 45 -6.70 -0.68 -0.50
N GLY A 46 -6.24 -0.01 -1.57
CA GLY A 46 -6.78 -0.18 -2.89
C GLY A 46 -7.86 0.83 -3.23
N THR A 47 -8.06 1.80 -2.34
CA THR A 47 -9.16 2.74 -2.48
C THR A 47 -8.74 4.16 -2.08
N GLU A 48 -9.54 5.15 -2.48
CA GLU A 48 -9.55 6.45 -1.81
C GLU A 48 -10.68 6.49 -0.81
N THR A 49 -10.34 6.71 0.46
CA THR A 49 -11.32 6.72 1.54
C THR A 49 -11.68 8.12 2.01
N ARG A 50 -12.95 8.49 1.85
CA ARG A 50 -13.44 9.78 2.31
C ARG A 50 -13.59 9.80 3.82
N GLY A 51 -12.86 10.70 4.47
CA GLY A 51 -13.09 11.03 5.86
C GLY A 51 -13.84 12.35 5.91
N LYS A 52 -13.09 13.45 5.94
CA LYS A 52 -13.71 14.76 5.76
C LYS A 52 -14.20 14.85 4.32
N LEU A 53 -15.28 15.60 4.11
CA LEU A 53 -15.80 15.82 2.76
C LEU A 53 -14.77 16.54 1.90
N CYS A 54 -14.11 17.53 2.49
CA CYS A 54 -13.14 18.35 1.79
C CYS A 54 -11.92 18.51 2.68
N PRO A 55 -11.03 17.51 2.69
CA PRO A 55 -9.85 17.53 3.54
C PRO A 55 -8.89 18.67 3.26
N LYS A 56 -8.94 19.24 2.06
CA LYS A 56 -8.13 20.42 1.77
C LYS A 56 -8.76 21.70 2.31
N CYS A 57 -10.04 21.65 2.66
CA CYS A 57 -10.67 22.72 3.41
C CYS A 57 -10.27 22.72 4.89
N LEU A 58 -9.25 23.48 5.23
CA LEU A 58 -8.70 23.46 6.58
C LEU A 58 -9.55 24.25 7.57
N ASN A 59 -9.60 23.77 8.81
CA ASN A 59 -10.43 24.36 9.87
C ASN A 59 -11.92 24.43 9.54
N CYS A 60 -12.37 23.47 8.73
CA CYS A 60 -13.80 23.37 8.39
C CYS A 60 -14.32 22.00 8.82
N THR A 61 -15.56 21.96 9.28
CA THR A 61 -16.21 20.67 9.50
C THR A 61 -17.00 20.26 8.28
N ASP A 62 -17.46 19.01 8.27
CA ASP A 62 -18.29 18.52 7.18
C ASP A 62 -19.58 19.31 7.02
N LEU A 63 -20.21 19.66 8.14
CA LEU A 63 -21.42 20.46 8.08
C LEU A 63 -21.14 21.85 7.53
N ASP A 64 -20.04 22.46 7.95
CA ASP A 64 -19.59 23.73 7.40
C ASP A 64 -19.54 23.67 5.88
N VAL A 65 -18.90 22.62 5.37
CA VAL A 65 -18.76 22.42 3.94
C VAL A 65 -20.13 22.19 3.29
N ALA A 66 -20.95 21.38 3.95
CA ALA A 66 -22.28 21.07 3.46
C ALA A 66 -23.19 22.29 3.34
N LEU A 67 -22.94 23.32 4.14
CA LEU A 67 -23.80 24.49 4.12
C LEU A 67 -23.20 25.55 3.21
N GLY A 68 -21.99 25.28 2.74
CA GLY A 68 -21.25 26.21 1.91
C GLY A 68 -20.72 27.42 2.64
N ARG A 69 -20.30 27.23 3.88
CA ARG A 69 -19.62 28.29 4.65
C ARG A 69 -18.48 28.90 3.86
N PRO A 70 -18.38 30.24 3.85
CA PRO A 70 -17.27 30.87 3.13
C PRO A 70 -15.92 30.40 3.67
N LYS A 71 -14.94 30.21 2.78
CA LYS A 71 -13.66 29.56 3.10
C LYS A 71 -13.79 28.05 3.36
N CYS A 72 -14.97 27.50 3.13
CA CYS A 72 -15.16 26.06 3.28
C CYS A 72 -15.77 25.50 2.01
N THR A 73 -15.37 26.07 0.89
CA THR A 73 -15.78 25.60 -0.42
C THR A 73 -14.58 24.97 -1.11
N GLY A 74 -14.84 24.25 -2.20
CA GLY A 74 -13.80 23.51 -2.89
C GLY A 74 -14.24 22.09 -3.20
N LYS A 75 -13.54 21.47 -4.14
CA LYS A 75 -13.91 20.16 -4.65
C LYS A 75 -14.07 19.09 -3.55
N ILE A 76 -15.09 18.27 -3.70
CA ILE A 76 -15.28 17.13 -2.81
C ILE A 76 -14.85 15.89 -3.56
N PRO A 77 -13.76 15.25 -3.10
CA PRO A 77 -13.29 14.05 -3.79
C PRO A 77 -14.30 12.91 -3.81
N SER A 78 -14.47 12.27 -4.97
CA SER A 78 -15.32 11.09 -5.08
C SER A 78 -14.76 9.97 -4.21
N ALA A 79 -15.62 9.07 -3.75
CA ALA A 79 -15.17 7.97 -2.90
C ALA A 79 -16.15 6.79 -2.89
N ARG A 80 -15.64 5.60 -3.17
CA ARG A 80 -16.47 4.41 -3.17
C ARG A 80 -16.66 3.94 -1.72
N VAL A 81 -15.84 4.51 -0.84
CA VAL A 81 -15.83 4.13 0.57
C VAL A 81 -15.70 5.37 1.46
N SER A 82 -16.55 5.45 2.48
CA SER A 82 -16.56 6.61 3.37
C SER A 82 -16.71 6.20 4.83
N ILE A 83 -16.14 7.01 5.72
CA ILE A 83 -16.21 6.77 7.16
C ILE A 83 -17.15 7.79 7.81
N LEU A 84 -18.15 7.31 8.52
CA LEU A 84 -19.02 8.18 9.29
C LEU A 84 -18.44 8.45 10.68
N HIS A 85 -17.86 9.64 10.85
CA HIS A 85 -17.12 9.95 12.07
C HIS A 85 -17.85 10.93 13.00
N GLU A 86 -18.93 11.54 12.52
CA GLU A 86 -19.80 12.36 13.36
C GLU A 86 -21.26 11.93 13.30
N VAL A 87 -21.76 11.30 14.37
CA VAL A 87 -23.18 11.00 14.44
C VAL A 87 -24.01 12.28 14.48
N ARG A 88 -23.45 13.34 15.07
CA ARG A 88 -24.11 14.63 15.16
C ARG A 88 -23.22 15.77 14.67
N PRO A 89 -23.07 15.93 13.35
CA PRO A 89 -22.16 16.92 12.77
C PRO A 89 -22.36 18.34 13.32
N VAL A 90 -21.26 19.00 13.67
CA VAL A 90 -21.30 20.36 14.20
C VAL A 90 -20.75 21.38 13.20
N THR A 91 -21.19 22.63 13.32
CA THR A 91 -20.56 23.74 12.62
C THR A 91 -19.41 24.29 13.46
N SER A 92 -18.55 25.10 12.85
CA SER A 92 -17.47 25.74 13.59
C SER A 92 -17.26 27.20 13.16
N GLY A 93 -18.33 27.87 12.74
CA GLY A 93 -18.23 29.24 12.30
C GLY A 93 -19.51 29.75 11.66
N CYS A 94 -19.43 30.96 11.11
CA CYS A 94 -20.53 31.58 10.34
C CYS A 94 -21.72 31.92 11.24
N PHE A 95 -22.84 32.23 10.61
CA PHE A 95 -24.01 32.77 11.32
C PHE A 95 -24.62 31.69 12.21
N PRO A 96 -25.01 32.05 13.44
CA PRO A 96 -25.49 31.06 14.42
C PRO A 96 -26.76 30.32 14.00
N ILE A 97 -26.73 28.99 14.05
CA ILE A 97 -27.88 28.18 13.69
C ILE A 97 -28.48 27.55 14.94
N MET A 98 -29.81 27.42 14.98
CA MET A 98 -30.46 26.56 15.96
C MET A 98 -30.64 25.14 15.40
N HIS A 99 -29.57 24.35 15.48
CA HIS A 99 -29.46 23.11 14.72
C HIS A 99 -30.56 22.08 14.98
N ASP A 100 -30.91 21.87 16.24
CA ASP A 100 -31.73 20.71 16.60
C ASP A 100 -33.21 20.94 16.34
N ARG A 101 -33.56 22.10 15.81
CA ARG A 101 -34.94 22.38 15.42
C ARG A 101 -35.29 21.80 14.06
N THR A 102 -34.30 21.25 13.36
CA THR A 102 -34.53 20.55 12.10
C THR A 102 -33.66 19.31 11.97
N LYS A 103 -33.72 18.68 10.80
CA LYS A 103 -32.91 17.51 10.51
C LYS A 103 -31.55 17.88 9.92
N ILE A 104 -31.26 19.18 9.90
CA ILE A 104 -30.11 19.72 9.16
C ILE A 104 -28.77 19.07 9.50
N ARG A 105 -28.57 18.65 10.74
CA ARG A 105 -27.30 18.07 11.15
C ARG A 105 -26.87 16.84 10.36
N GLN A 106 -27.84 16.08 9.87
CA GLN A 106 -27.56 14.87 9.11
C GLN A 106 -27.13 15.08 7.66
N LEU A 107 -27.31 16.29 7.15
CA LEU A 107 -26.93 16.63 5.78
C LEU A 107 -25.54 16.15 5.31
N PRO A 108 -24.47 16.48 6.05
CA PRO A 108 -23.18 15.98 5.56
C PRO A 108 -23.03 14.45 5.61
N ASN A 109 -23.78 13.80 6.49
CA ASN A 109 -23.78 12.34 6.56
C ASN A 109 -24.57 11.70 5.44
N LEU A 110 -25.61 12.37 4.98
CA LEU A 110 -26.34 11.93 3.79
C LEU A 110 -25.46 12.03 2.55
N LEU A 111 -24.78 13.16 2.39
CA LEU A 111 -23.89 13.39 1.24
C LEU A 111 -22.80 12.33 1.11
N ARG A 112 -22.18 11.96 2.22
CA ARG A 112 -21.04 11.03 2.21
C ARG A 112 -21.46 9.63 1.77
N GLY A 113 -22.77 9.39 1.80
CA GLY A 113 -23.33 8.12 1.36
C GLY A 113 -23.32 7.99 -0.16
N TYR A 114 -23.11 9.11 -0.85
CA TYR A 114 -22.99 9.08 -2.31
C TYR A 114 -21.52 9.00 -2.69
N GLU A 115 -21.24 8.37 -3.83
CA GLU A 115 -19.88 8.33 -4.35
C GLU A 115 -19.45 9.68 -4.90
N HIS A 116 -20.30 10.30 -5.71
CA HIS A 116 -19.95 11.57 -6.32
C HIS A 116 -20.77 12.70 -5.72
N ILE A 117 -20.11 13.79 -5.36
CA ILE A 117 -20.75 14.91 -4.70
C ILE A 117 -20.20 16.23 -5.23
N ARG A 118 -21.07 17.11 -5.68
CA ARG A 118 -20.60 18.43 -6.10
C ARG A 118 -21.63 19.52 -5.85
N LEU A 119 -21.12 20.72 -5.59
CA LEU A 119 -21.95 21.90 -5.44
C LEU A 119 -22.17 22.52 -6.82
N SER A 120 -23.42 22.83 -7.17
CA SER A 120 -23.71 23.38 -8.49
C SER A 120 -22.97 24.71 -8.65
N THR A 121 -22.69 25.10 -9.89
CA THR A 121 -22.01 26.37 -10.13
C THR A 121 -23.01 27.47 -10.44
N HIS A 122 -24.20 27.07 -10.88
CA HIS A 122 -25.30 27.99 -11.09
C HIS A 122 -26.16 28.13 -9.84
N ASN A 123 -26.86 29.25 -9.75
CA ASN A 123 -27.90 29.45 -8.75
C ASN A 123 -29.22 28.86 -9.21
N VAL A 124 -29.85 28.07 -8.34
CA VAL A 124 -31.05 27.33 -8.70
C VAL A 124 -32.17 28.30 -9.03
N ILE A 125 -32.21 29.43 -8.31
CA ILE A 125 -33.14 30.51 -8.64
C ILE A 125 -32.46 31.86 -8.45
N ASN A 126 -33.08 32.92 -8.95
CA ASN A 126 -32.54 34.26 -8.79
C ASN A 126 -33.10 34.94 -7.55
N ALA A 127 -32.25 35.15 -6.55
CA ALA A 127 -32.71 35.65 -5.26
C ALA A 127 -33.28 37.07 -5.34
N GLU A 128 -32.52 37.96 -5.97
CA GLU A 128 -32.86 39.38 -6.03
C GLU A 128 -34.28 39.65 -6.53
N ASN A 129 -34.71 38.88 -7.53
CA ASN A 129 -36.02 39.06 -8.14
C ASN A 129 -37.05 38.01 -7.73
N ALA A 130 -36.79 37.30 -6.65
CA ALA A 130 -37.72 36.28 -6.18
C ALA A 130 -39.04 36.94 -5.73
N PRO A 131 -40.13 36.16 -5.71
CA PRO A 131 -41.44 36.63 -5.24
C PRO A 131 -41.42 37.37 -3.91
N GLY A 132 -42.16 38.48 -3.83
CA GLY A 132 -42.31 39.24 -2.60
C GLY A 132 -41.23 40.28 -2.46
N GLY A 133 -40.41 40.43 -3.50
CA GLY A 133 -39.34 41.40 -3.50
C GLY A 133 -39.68 42.69 -4.23
N PRO A 134 -38.66 43.35 -4.81
CA PRO A 134 -37.26 42.92 -4.91
C PRO A 134 -36.54 42.87 -3.57
N TYR A 135 -35.47 42.08 -3.50
CA TYR A 135 -34.72 41.86 -2.27
C TYR A 135 -33.28 42.30 -2.47
N LYS A 136 -32.66 42.84 -1.42
CA LYS A 136 -31.22 42.95 -1.40
C LYS A 136 -30.65 41.73 -0.70
N ILE A 137 -29.40 41.41 -0.97
CA ILE A 137 -28.84 40.17 -0.45
C ILE A 137 -28.00 40.36 0.80
N GLY A 138 -28.48 39.83 1.91
CA GLY A 138 -27.85 40.03 3.20
C GLY A 138 -26.50 39.37 3.32
N THR A 139 -25.57 40.01 4.03
CA THR A 139 -24.26 39.44 4.28
C THR A 139 -23.94 39.69 5.74
N SER A 140 -22.92 39.03 6.28
CA SER A 140 -22.67 39.12 7.71
C SER A 140 -21.21 39.06 8.08
N GLY A 141 -20.87 39.73 9.17
CA GLY A 141 -19.52 39.71 9.71
C GLY A 141 -19.19 38.42 10.40
N SER A 142 -20.22 37.60 10.66
CA SER A 142 -19.99 36.27 11.20
C SER A 142 -19.35 35.33 10.19
N CYS A 143 -19.44 35.66 8.91
CA CYS A 143 -18.99 34.74 7.88
C CYS A 143 -17.94 35.37 6.96
N PRO A 144 -16.74 35.65 7.49
CA PRO A 144 -15.78 36.33 6.60
C PRO A 144 -15.35 35.42 5.44
N ASN A 145 -15.39 35.94 4.22
CA ASN A 145 -14.96 35.15 3.07
C ASN A 145 -13.44 35.22 2.89
N ILE A 146 -12.97 34.73 1.75
CA ILE A 146 -11.54 34.62 1.46
C ILE A 146 -10.75 35.93 1.60
N THR A 147 -11.29 37.05 1.14
CA THR A 147 -10.60 38.33 1.31
C THR A 147 -11.14 39.12 2.50
N ASN A 148 -11.73 38.37 3.44
CA ASN A 148 -12.29 38.89 4.68
C ASN A 148 -13.44 39.89 4.54
N GLY A 149 -14.13 39.87 3.41
CA GLY A 149 -15.35 40.66 3.33
C GLY A 149 -16.52 39.89 3.88
N ASN A 150 -17.55 40.61 4.33
CA ASN A 150 -18.76 39.98 4.86
C ASN A 150 -19.38 39.04 3.82
N GLY A 151 -19.64 37.79 4.20
CA GLY A 151 -20.31 36.87 3.30
C GLY A 151 -21.49 36.13 3.90
N PHE A 152 -21.80 34.98 3.31
CA PHE A 152 -22.89 34.13 3.77
C PHE A 152 -22.75 32.76 3.13
N PHE A 153 -23.50 31.78 3.63
CA PHE A 153 -23.48 30.42 3.07
C PHE A 153 -23.71 30.42 1.56
N ALA A 154 -22.89 29.67 0.83
CA ALA A 154 -23.04 29.64 -0.62
C ALA A 154 -24.35 28.95 -1.03
N THR A 155 -24.88 28.12 -0.13
CA THR A 155 -26.10 27.37 -0.42
C THR A 155 -27.37 28.21 -0.31
N MET A 156 -27.27 29.41 0.23
CA MET A 156 -28.45 30.22 0.48
C MET A 156 -28.26 31.71 0.21
N ALA A 157 -29.38 32.40 -0.02
CA ALA A 157 -29.39 33.85 -0.15
C ALA A 157 -30.33 34.49 0.87
N TRP A 158 -29.77 35.32 1.75
CA TRP A 158 -30.57 36.02 2.74
C TRP A 158 -31.39 37.12 2.09
N ALA A 159 -32.70 36.90 1.95
CA ALA A 159 -33.57 37.83 1.23
C ALA A 159 -34.13 38.94 2.12
N VAL A 160 -33.66 40.17 1.92
CA VAL A 160 -34.08 41.30 2.73
C VAL A 160 -34.77 42.32 1.83
N PRO A 161 -36.00 42.73 2.17
CA PRO A 161 -36.73 43.70 1.34
C PRO A 161 -35.93 44.95 1.00
N LYS A 162 -35.83 45.28 -0.28
CA LYS A 162 -35.00 46.39 -0.73
C LYS A 162 -35.68 47.74 -0.56
N ASN A 163 -36.98 47.78 -0.81
CA ASN A 163 -37.73 49.04 -0.81
C ASN A 163 -38.72 49.14 0.34
N ASP A 164 -38.66 50.26 1.05
CA ASP A 164 -39.58 50.52 2.16
C ASP A 164 -41.05 50.39 1.75
N LYS A 165 -41.36 50.78 0.51
CA LYS A 165 -42.72 50.66 -0.01
C LYS A 165 -43.23 49.22 -0.03
N ASN A 166 -42.34 48.27 -0.29
CA ASN A 166 -42.70 46.85 -0.25
C ASN A 166 -42.20 46.16 1.01
N LYS A 167 -41.76 46.96 1.99
CA LYS A 167 -41.31 46.42 3.26
C LYS A 167 -42.45 46.28 4.27
N THR A 168 -43.21 45.21 4.13
CA THR A 168 -44.45 45.02 4.88
C THR A 168 -44.65 43.52 5.08
N ALA A 169 -45.59 43.15 5.96
CA ALA A 169 -45.97 41.74 6.05
C ALA A 169 -46.44 41.21 4.71
N THR A 170 -46.28 39.91 4.50
CA THR A 170 -46.78 39.26 3.30
C THR A 170 -47.53 37.98 3.64
N ASN A 171 -48.54 37.67 2.84
CA ASN A 171 -49.13 36.35 2.88
C ASN A 171 -48.06 35.36 2.40
N PRO A 172 -48.21 34.07 2.72
CA PRO A 172 -47.22 33.10 2.21
C PRO A 172 -47.08 33.12 0.69
N LEU A 173 -45.83 33.09 0.21
CA LEU A 173 -45.54 33.08 -1.21
C LEU A 173 -44.91 31.76 -1.60
N THR A 174 -45.11 31.33 -2.83
CA THR A 174 -44.61 30.03 -3.26
C THR A 174 -43.62 30.20 -4.41
N ILE A 175 -42.45 29.57 -4.29
CA ILE A 175 -41.54 29.41 -5.42
C ILE A 175 -41.31 27.93 -5.73
N GLU A 176 -41.21 27.62 -7.01
CA GLU A 176 -40.73 26.32 -7.44
C GLU A 176 -39.21 26.29 -7.47
N VAL A 177 -38.63 25.26 -6.89
CA VAL A 177 -37.19 25.06 -6.95
C VAL A 177 -36.96 23.94 -7.94
N PRO A 178 -36.43 24.28 -9.12
CA PRO A 178 -36.23 23.32 -10.21
C PRO A 178 -35.06 22.38 -9.99
N TYR A 179 -35.03 21.32 -10.78
CA TYR A 179 -33.92 20.36 -10.77
C TYR A 179 -32.90 20.87 -11.78
N ILE A 180 -31.71 21.21 -11.30
CA ILE A 180 -30.68 21.73 -12.19
C ILE A 180 -29.46 20.83 -12.28
N CYS A 181 -29.58 19.62 -11.74
CA CYS A 181 -28.49 18.67 -11.77
C CYS A 181 -28.58 17.90 -13.08
N THR A 182 -27.63 17.01 -13.35
CA THR A 182 -27.66 16.26 -14.60
C THR A 182 -28.32 14.92 -14.33
N GLU A 183 -29.19 14.51 -15.26
CA GLU A 183 -29.96 13.27 -15.17
C GLU A 183 -29.22 12.10 -14.52
N GLY A 184 -29.87 11.47 -13.54
CA GLY A 184 -29.25 10.45 -12.74
C GLY A 184 -28.83 10.92 -11.36
N GLU A 185 -28.48 12.19 -11.25
CA GLU A 185 -28.06 12.74 -9.97
C GLU A 185 -29.25 13.11 -9.10
N ASP A 186 -29.12 12.92 -7.80
CA ASP A 186 -30.04 13.54 -6.84
C ASP A 186 -29.66 14.98 -6.59
N GLN A 187 -30.67 15.82 -6.37
CA GLN A 187 -30.44 17.20 -5.95
C GLN A 187 -30.84 17.40 -4.50
N ILE A 188 -29.93 17.95 -3.70
CA ILE A 188 -30.25 18.28 -2.32
C ILE A 188 -30.23 19.79 -2.13
N THR A 189 -31.41 20.34 -1.85
CA THR A 189 -31.59 21.79 -1.83
C THR A 189 -31.54 22.31 -0.40
N VAL A 190 -30.66 23.25 -0.14
CA VAL A 190 -30.53 23.83 1.20
C VAL A 190 -31.21 25.18 1.27
N TRP A 191 -32.02 25.37 2.31
CA TRP A 191 -32.72 26.62 2.53
C TRP A 191 -32.99 26.84 4.02
N GLY A 192 -33.60 27.97 4.34
CA GLY A 192 -33.90 28.28 5.72
C GLY A 192 -34.58 29.62 5.92
N PHE A 193 -34.51 30.15 7.14
CA PHE A 193 -35.07 31.47 7.43
C PHE A 193 -34.40 32.16 8.60
N HIS A 194 -34.27 33.48 8.50
CA HIS A 194 -33.67 34.27 9.56
C HIS A 194 -34.77 34.85 10.44
N SER A 195 -34.51 34.95 11.74
CA SER A 195 -35.41 35.66 12.65
C SER A 195 -34.63 36.43 13.71
N ASP A 196 -35.33 37.27 14.46
CA ASP A 196 -34.71 38.25 15.33
C ASP A 196 -35.70 38.71 16.41
N ASN A 197 -35.29 39.64 17.25
CA ASN A 197 -36.21 40.24 18.21
C ASN A 197 -37.24 41.16 17.54
N GLU A 198 -38.27 41.51 18.30
CA GLU A 198 -39.43 42.24 17.79
C GLU A 198 -39.07 43.54 17.07
N THR A 199 -38.17 44.31 17.66
CA THR A 199 -37.82 45.62 17.10
C THR A 199 -36.93 45.51 15.87
N GLN A 200 -35.98 44.58 15.90
CA GLN A 200 -35.14 44.33 14.75
C GLN A 200 -35.96 43.82 13.56
N MET A 201 -36.93 42.95 13.85
CA MET A 201 -37.85 42.44 12.84
C MET A 201 -38.58 43.55 12.09
N ALA A 202 -39.09 44.52 12.86
CA ALA A 202 -39.84 45.62 12.30
C ALA A 202 -38.94 46.44 11.40
N LYS A 203 -37.72 46.67 11.87
CA LYS A 203 -36.74 47.45 11.14
C LYS A 203 -36.27 46.74 9.88
N LEU A 204 -36.03 45.44 9.98
CA LEU A 204 -35.53 44.66 8.84
C LEU A 204 -36.60 44.33 7.80
N TYR A 205 -37.75 43.85 8.27
CA TYR A 205 -38.74 43.22 7.38
C TYR A 205 -40.09 43.93 7.35
N GLY A 206 -40.31 44.84 8.30
CA GLY A 206 -41.55 45.59 8.35
C GLY A 206 -42.67 44.81 9.01
N ASP A 207 -42.30 43.80 9.79
CA ASP A 207 -43.26 42.90 10.43
C ASP A 207 -42.57 42.19 11.59
N SER A 208 -43.20 42.19 12.76
CA SER A 208 -42.60 41.51 13.91
C SER A 208 -43.42 40.35 14.47
N LYS A 209 -44.40 39.87 13.71
CA LYS A 209 -45.12 38.66 14.10
C LYS A 209 -44.36 37.43 13.62
N PRO A 210 -44.64 36.25 14.21
CA PRO A 210 -44.03 35.01 13.73
C PRO A 210 -44.32 34.75 12.25
N GLN A 211 -43.34 34.21 11.54
CA GLN A 211 -43.48 33.90 10.12
C GLN A 211 -43.58 32.39 9.90
N LYS A 212 -44.25 31.99 8.82
CA LYS A 212 -44.49 30.57 8.58
C LYS A 212 -43.90 30.13 7.24
N PHE A 213 -43.47 28.87 7.19
CA PHE A 213 -42.72 28.36 6.04
C PHE A 213 -43.11 26.90 5.77
N THR A 214 -43.17 26.52 4.50
CA THR A 214 -43.34 25.12 4.15
C THR A 214 -42.41 24.74 3.01
N SER A 215 -41.94 23.49 3.01
CA SER A 215 -41.23 22.94 1.86
C SER A 215 -41.94 21.69 1.38
N SER A 216 -41.76 21.34 0.10
CA SER A 216 -42.37 20.14 -0.43
C SER A 216 -41.59 19.58 -1.61
N ALA A 217 -41.14 18.34 -1.48
CA ALA A 217 -40.44 17.67 -2.57
C ALA A 217 -40.67 16.18 -2.53
N ASN A 218 -41.07 15.61 -3.67
CA ASN A 218 -41.34 14.19 -3.80
C ASN A 218 -42.33 13.65 -2.76
N GLY A 219 -43.37 14.43 -2.47
CA GLY A 219 -44.36 14.00 -1.49
C GLY A 219 -43.99 14.20 -0.03
N VAL A 220 -42.79 14.71 0.23
CA VAL A 220 -42.36 14.97 1.60
C VAL A 220 -42.55 16.43 1.99
N THR A 221 -43.44 16.66 2.96
CA THR A 221 -43.71 18.02 3.43
C THR A 221 -43.24 18.30 4.85
N THR A 222 -42.75 19.53 5.07
CA THR A 222 -42.29 19.98 6.37
C THR A 222 -42.85 21.37 6.65
N HIS A 223 -43.06 21.70 7.92
CA HIS A 223 -43.65 22.98 8.30
C HIS A 223 -42.90 23.63 9.46
N TYR A 224 -42.64 24.93 9.36
CA TYR A 224 -42.01 25.66 10.46
C TYR A 224 -42.70 26.98 10.78
N VAL A 225 -42.70 27.31 12.07
CA VAL A 225 -43.14 28.61 12.56
C VAL A 225 -41.94 29.23 13.27
N SER A 226 -41.62 30.49 12.94
CA SER A 226 -40.45 31.14 13.52
C SER A 226 -40.65 31.58 14.98
N GLN A 227 -39.55 31.94 15.61
CA GLN A 227 -39.54 32.45 16.97
C GLN A 227 -39.06 33.90 17.02
N ILE A 228 -39.77 34.74 17.76
CA ILE A 228 -39.38 36.13 17.93
C ILE A 228 -38.75 36.37 19.30
N GLY A 229 -37.46 36.69 19.31
CA GLY A 229 -36.74 36.93 20.54
C GLY A 229 -36.61 35.72 21.47
N GLY A 230 -35.99 35.93 22.62
CA GLY A 230 -35.82 34.87 23.61
C GLY A 230 -35.01 33.67 23.16
N PHE A 231 -34.04 33.90 22.28
CA PHE A 231 -33.26 32.82 21.69
C PHE A 231 -32.27 32.23 22.69
N PRO A 232 -31.97 30.93 22.54
CA PRO A 232 -30.88 30.23 23.25
C PRO A 232 -29.51 30.81 22.91
N ASN A 233 -28.52 30.57 23.78
CA ASN A 233 -27.17 31.07 23.55
C ASN A 233 -26.59 30.60 22.22
N GLN A 234 -25.74 31.44 21.66
CA GLN A 234 -25.02 31.09 20.43
C GLN A 234 -24.11 29.89 20.63
N THR A 235 -24.06 29.01 19.63
CA THR A 235 -23.20 27.85 19.71
C THR A 235 -22.73 27.45 18.32
N GLU A 236 -21.51 26.90 18.25
CA GLU A 236 -20.96 26.36 17.02
C GLU A 236 -20.93 27.39 15.90
N ASP A 237 -20.75 28.66 16.24
CA ASP A 237 -20.84 29.74 15.27
C ASP A 237 -19.58 30.58 15.20
N GLY A 238 -19.68 31.73 14.53
CA GLY A 238 -18.52 32.56 14.25
C GLY A 238 -17.99 33.32 15.46
N GLY A 239 -18.61 33.11 16.61
CA GLY A 239 -18.14 33.69 17.85
C GLY A 239 -18.41 35.18 17.99
N LEU A 240 -19.23 35.73 17.11
CA LEU A 240 -19.58 37.14 17.20
C LEU A 240 -21.04 37.31 17.62
N PRO A 241 -21.30 38.25 18.54
CA PRO A 241 -22.65 38.44 19.07
C PRO A 241 -23.64 38.88 18.00
N GLN A 242 -24.83 38.28 18.02
CA GLN A 242 -25.92 38.64 17.12
C GLN A 242 -27.23 38.61 17.88
N SER A 243 -28.17 39.46 17.52
CA SER A 243 -29.47 39.41 18.18
C SER A 243 -30.35 38.35 17.52
N GLY A 244 -30.04 38.03 16.26
CA GLY A 244 -30.87 37.09 15.52
C GLY A 244 -30.29 35.68 15.42
N ARG A 245 -31.05 34.78 14.81
CA ARG A 245 -30.65 33.39 14.63
C ARG A 245 -31.22 32.88 13.31
N ILE A 246 -30.57 31.92 12.67
CA ILE A 246 -31.19 31.29 11.50
C ILE A 246 -31.57 29.84 11.78
N VAL A 247 -32.56 29.35 11.04
CA VAL A 247 -32.92 27.94 11.02
C VAL A 247 -32.70 27.41 9.60
N VAL A 248 -32.06 26.26 9.46
CA VAL A 248 -31.70 25.77 8.13
C VAL A 248 -32.17 24.32 7.93
N ASP A 249 -32.68 24.02 6.74
CA ASP A 249 -33.19 22.69 6.45
C ASP A 249 -32.73 22.28 5.04
N TYR A 250 -32.91 21.01 4.68
CA TYR A 250 -32.69 20.57 3.31
C TYR A 250 -33.88 19.79 2.78
N MET A 251 -34.07 19.80 1.45
CA MET A 251 -35.00 18.86 0.83
C MET A 251 -34.35 18.14 -0.35
N VAL A 252 -34.61 16.84 -0.46
CA VAL A 252 -34.02 16.03 -1.53
C VAL A 252 -34.92 15.99 -2.76
N GLN A 253 -34.40 16.37 -3.92
CA GLN A 253 -35.17 16.23 -5.15
C GLN A 253 -34.61 15.11 -6.01
N LYS A 254 -35.40 14.06 -6.20
CA LYS A 254 -34.92 12.87 -6.90
C LYS A 254 -35.44 12.79 -8.33
N SER A 255 -34.66 12.16 -9.20
CA SER A 255 -35.03 11.87 -10.58
C SER A 255 -35.64 13.06 -11.32
N GLY A 256 -34.95 14.19 -11.31
CA GLY A 256 -35.39 15.34 -12.09
C GLY A 256 -36.68 16.01 -11.66
N LYS A 257 -37.09 15.85 -10.40
CA LYS A 257 -38.38 16.40 -9.99
C LYS A 257 -38.22 17.78 -9.36
N THR A 258 -39.24 18.62 -9.54
CA THR A 258 -39.27 19.95 -8.94
C THR A 258 -39.83 19.94 -7.52
N GLY A 259 -39.15 20.63 -6.60
CA GLY A 259 -39.67 20.81 -5.26
C GLY A 259 -40.30 22.19 -5.13
N THR A 260 -40.99 22.46 -4.03
CA THR A 260 -41.51 23.80 -3.80
C THR A 260 -41.24 24.29 -2.37
N ILE A 261 -41.12 25.60 -2.22
CA ILE A 261 -41.01 26.23 -0.90
C ILE A 261 -42.03 27.35 -0.73
N THR A 262 -42.74 27.38 0.39
CA THR A 262 -43.56 28.54 0.70
C THR A 262 -42.99 29.28 1.90
N TYR A 263 -43.02 30.61 1.85
CA TYR A 263 -42.26 31.42 2.81
C TYR A 263 -42.83 32.81 3.03
N GLN A 264 -42.45 33.45 4.12
CA GLN A 264 -42.77 34.86 4.33
C GLN A 264 -41.46 35.64 4.50
N ARG A 265 -41.39 36.49 5.51
CA ARG A 265 -40.24 37.37 5.67
C ARG A 265 -39.09 36.66 6.37
N GLY A 266 -37.86 36.99 5.96
CA GLY A 266 -36.68 36.40 6.57
C GLY A 266 -36.19 35.16 5.85
N ILE A 267 -36.81 34.87 4.71
CA ILE A 267 -36.48 33.68 3.94
C ILE A 267 -35.01 33.61 3.54
N LEU A 268 -34.40 32.46 3.76
CA LEU A 268 -33.10 32.16 3.17
C LEU A 268 -33.31 31.30 1.94
N LEU A 269 -33.31 31.94 0.77
CA LEU A 269 -33.62 31.24 -0.48
C LEU A 269 -32.44 30.40 -0.91
N PRO A 270 -32.70 29.24 -1.52
CA PRO A 270 -31.62 28.38 -1.98
C PRO A 270 -30.84 29.03 -3.12
N GLN A 271 -29.53 28.79 -3.15
CA GLN A 271 -28.71 29.28 -4.25
C GLN A 271 -27.96 28.15 -4.91
N LYS A 272 -26.77 27.84 -4.40
CA LYS A 272 -26.07 26.64 -4.82
C LYS A 272 -26.70 25.43 -4.15
N VAL A 273 -26.91 24.37 -4.94
CA VAL A 273 -27.51 23.15 -4.42
C VAL A 273 -26.53 22.01 -4.61
N TRP A 274 -26.71 20.94 -3.84
CA TRP A 274 -25.87 19.76 -4.02
C TRP A 274 -26.35 18.86 -5.13
N CYS A 275 -25.40 18.35 -5.92
CA CYS A 275 -25.71 17.38 -6.96
C CYS A 275 -24.92 16.12 -6.66
N ALA A 276 -25.62 15.01 -6.43
CA ALA A 276 -24.95 13.80 -5.98
C ALA A 276 -25.43 12.56 -6.73
N SER A 277 -24.52 11.60 -6.91
CA SER A 277 -24.84 10.35 -7.58
C SER A 277 -23.92 9.23 -7.11
N GLY A 278 -24.28 8.00 -7.46
CA GLY A 278 -23.52 6.84 -7.06
C GLY A 278 -23.76 6.47 -5.60
N ARG A 279 -23.02 5.48 -5.11
CA ARG A 279 -23.16 5.05 -3.73
C ARG A 279 -21.81 4.76 -3.10
N SER A 280 -21.58 5.33 -1.92
CA SER A 280 -20.39 5.03 -1.12
C SER A 280 -20.71 4.00 -0.03
N LYS A 281 -19.74 3.15 0.29
CA LYS A 281 -19.91 2.21 1.38
C LYS A 281 -19.53 2.87 2.69
N VAL A 282 -20.47 2.92 3.63
CA VAL A 282 -20.27 3.68 4.85
C VAL A 282 -20.25 2.76 6.07
N ILE A 283 -19.29 2.98 6.96
CA ILE A 283 -19.34 2.42 8.30
C ILE A 283 -18.99 3.49 9.33
N LYS A 284 -19.30 3.23 10.60
CA LYS A 284 -18.90 4.13 11.66
C LYS A 284 -17.42 3.98 11.98
N GLY A 285 -16.76 5.11 12.22
CA GLY A 285 -15.35 5.11 12.59
C GLY A 285 -14.94 6.44 13.17
N SER A 286 -13.66 6.60 13.45
CA SER A 286 -13.17 7.86 13.99
C SER A 286 -11.95 8.36 13.21
N LEU A 287 -11.81 9.68 13.17
CA LEU A 287 -10.61 10.33 12.64
C LEU A 287 -9.57 10.58 13.74
N PRO A 288 -8.29 10.72 13.35
CA PRO A 288 -7.76 10.67 11.98
C PRO A 288 -7.53 9.25 11.47
N LEU A 289 -7.44 9.10 10.16
CA LEU A 289 -7.04 7.83 9.56
C LEU A 289 -5.52 7.69 9.57
N ILE A 290 -5.01 6.60 10.12
CA ILE A 290 -3.56 6.42 10.23
C ILE A 290 -3.09 5.27 9.36
N GLY A 291 -2.26 5.59 8.36
CA GLY A 291 -1.76 4.60 7.42
C GLY A 291 -2.89 3.93 6.67
N GLU A 292 -2.70 2.63 6.38
CA GLU A 292 -3.67 1.90 5.57
C GLU A 292 -3.90 0.50 6.15
N ALA A 293 -4.95 -0.17 5.67
CA ALA A 293 -5.29 -1.51 6.12
C ALA A 293 -6.09 -2.27 5.08
N ASP A 294 -6.04 -3.60 5.16
CA ASP A 294 -6.81 -4.45 4.26
C ASP A 294 -8.32 -4.26 4.50
N CYS A 295 -8.67 -3.97 5.75
CA CYS A 295 -10.05 -4.08 6.20
C CYS A 295 -10.31 -2.98 7.22
N LEU A 296 -11.48 -2.34 7.13
CA LEU A 296 -11.95 -1.46 8.18
C LEU A 296 -13.15 -2.03 8.92
N HIS A 297 -13.01 -2.20 10.23
CA HIS A 297 -14.02 -2.91 11.01
C HIS A 297 -14.57 -1.96 12.07
N GLU A 298 -15.89 -1.89 12.18
CA GLU A 298 -16.51 -0.92 13.09
C GLU A 298 -16.06 -1.03 14.54
N LYS A 299 -15.78 -2.24 15.01
CA LYS A 299 -15.36 -2.40 16.40
C LYS A 299 -13.85 -2.46 16.57
N TYR A 300 -13.15 -3.04 15.59
CA TYR A 300 -11.72 -3.24 15.71
C TYR A 300 -10.88 -2.17 15.02
N GLY A 301 -11.54 -1.34 14.22
CA GLY A 301 -10.84 -0.33 13.43
C GLY A 301 -10.15 -1.00 12.25
N GLY A 302 -9.00 -0.49 11.86
CA GLY A 302 -8.24 -1.07 10.77
C GLY A 302 -7.67 -2.41 11.21
N LEU A 303 -7.84 -3.43 10.37
CA LEU A 303 -7.22 -4.72 10.64
C LEU A 303 -6.78 -5.42 9.36
N ASN A 304 -5.82 -6.31 9.51
CA ASN A 304 -5.22 -7.06 8.41
C ASN A 304 -5.61 -8.52 8.48
N LYS A 305 -5.95 -9.10 7.33
CA LYS A 305 -6.48 -10.45 7.33
C LYS A 305 -5.31 -11.42 7.47
N SER A 306 -5.03 -11.76 8.73
CA SER A 306 -3.95 -12.66 9.09
C SER A 306 -4.41 -14.10 8.94
N LYS A 307 -5.68 -14.34 9.25
CA LYS A 307 -6.27 -15.66 9.12
C LYS A 307 -7.62 -15.49 8.42
N PRO A 308 -8.15 -16.58 7.84
CA PRO A 308 -9.36 -16.37 7.04
C PRO A 308 -10.60 -16.03 7.88
N TYR A 309 -10.62 -16.47 9.14
CA TYR A 309 -11.79 -16.25 9.99
C TYR A 309 -11.40 -15.54 11.28
N TYR A 310 -12.36 -14.88 11.93
CA TYR A 310 -12.12 -14.33 13.26
C TYR A 310 -13.26 -14.61 14.23
N THR A 311 -12.93 -14.68 15.51
CA THR A 311 -13.93 -14.73 16.57
C THR A 311 -13.94 -13.40 17.31
N GLY A 312 -15.05 -13.06 17.95
CA GLY A 312 -15.14 -11.81 18.68
C GLY A 312 -16.42 -11.06 18.38
N GLU A 313 -16.32 -9.74 18.31
CA GLU A 313 -17.50 -8.90 18.11
C GLU A 313 -17.78 -8.73 16.63
N HIS A 314 -18.88 -9.31 16.15
CA HIS A 314 -19.31 -9.05 14.79
C HIS A 314 -19.68 -7.58 14.65
N ALA A 315 -19.34 -7.00 13.50
CA ALA A 315 -19.76 -5.63 13.20
C ALA A 315 -19.72 -5.41 11.69
N LYS A 316 -20.35 -4.33 11.25
CA LYS A 316 -20.20 -3.87 9.89
C LYS A 316 -18.74 -3.62 9.52
N ALA A 317 -18.37 -3.96 8.29
CA ALA A 317 -16.99 -3.84 7.84
C ALA A 317 -16.94 -3.77 6.33
N ILE A 318 -15.86 -3.21 5.79
CA ILE A 318 -15.67 -3.15 4.34
C ILE A 318 -14.24 -3.50 3.94
N GLY A 319 -14.10 -4.17 2.80
CA GLY A 319 -12.78 -4.45 2.26
C GLY A 319 -12.48 -5.94 2.19
N ASN A 320 -11.20 -6.28 2.34
CA ASN A 320 -10.76 -7.66 2.27
C ASN A 320 -10.61 -8.20 3.69
N CYS A 321 -11.68 -8.76 4.22
CA CYS A 321 -11.84 -8.94 5.65
C CYS A 321 -11.94 -10.42 6.00
N PRO A 322 -11.47 -10.78 7.20
CA PRO A 322 -11.76 -12.12 7.71
C PRO A 322 -13.25 -12.26 8.00
N ILE A 323 -13.75 -13.49 7.98
CA ILE A 323 -15.17 -13.73 8.19
C ILE A 323 -15.44 -14.18 9.61
N TRP A 324 -16.47 -13.60 10.21
CA TRP A 324 -16.84 -13.89 11.59
C TRP A 324 -17.38 -15.31 11.77
N VAL A 325 -16.95 -15.95 12.86
CA VAL A 325 -17.35 -17.31 13.18
C VAL A 325 -17.57 -17.42 14.69
N LYS A 326 -18.47 -18.31 15.08
CA LYS A 326 -18.89 -18.46 16.47
C LYS A 326 -17.85 -19.15 17.36
N THR A 327 -17.13 -20.13 16.80
CA THR A 327 -16.19 -20.92 17.60
C THR A 327 -14.83 -20.97 16.92
N PRO A 328 -13.76 -21.21 17.70
CA PRO A 328 -12.43 -21.27 17.07
C PRO A 328 -12.24 -22.53 16.24
N LEU A 329 -12.60 -22.45 14.96
CA LEU A 329 -12.58 -23.60 14.06
C LEU A 329 -11.16 -24.11 13.84
N LYS A 330 -11.03 -25.42 13.64
CA LYS A 330 -9.71 -25.99 13.40
C LYS A 330 -9.70 -26.96 12.21
N LEU A 331 -8.75 -26.74 11.33
CA LEU A 331 -8.44 -27.62 10.21
C LEU A 331 -7.50 -28.75 10.61
N ALA A 332 -7.82 -29.97 10.19
CA ALA A 332 -6.93 -31.09 10.43
C ALA A 332 -5.63 -30.88 9.64
N ASN A 333 -4.52 -31.20 10.28
CA ASN A 333 -3.18 -31.15 9.70
C ASN A 333 -2.40 -32.29 10.36
N GLY A 334 -2.73 -33.51 9.96
CA GLY A 334 -2.08 -34.65 10.57
C GLY A 334 -2.61 -36.03 10.21
N THR A 335 -2.27 -36.97 11.07
CA THR A 335 -2.69 -38.35 10.99
C THR A 335 -3.57 -38.60 12.21
N LYS A 336 -4.18 -39.78 12.31
CA LYS A 336 -4.98 -40.08 13.50
C LYS A 336 -4.19 -40.10 14.81
N TYR A 337 -4.77 -40.69 15.85
CA TYR A 337 -4.13 -40.71 17.16
C TYR A 337 -3.09 -41.80 17.36
N ARG A 338 -3.45 -42.78 18.18
CA ARG A 338 -2.69 -44.00 18.47
C ARG A 338 -1.59 -43.84 19.52
N PRO A 339 -1.96 -43.51 20.78
CA PRO A 339 -1.04 -43.28 21.91
C PRO A 339 -0.28 -44.59 22.05
N PRO A 340 1.06 -44.58 22.05
CA PRO A 340 1.67 -45.35 20.96
C PRO A 340 2.02 -46.81 21.20
N ALA A 341 1.88 -47.53 20.09
CA ALA A 341 1.99 -48.97 20.02
C ALA A 341 3.39 -49.45 20.34
N LYS A 342 3.46 -50.68 20.82
CA LYS A 342 4.73 -51.31 21.12
C LYS A 342 5.08 -52.31 20.03
N LEU A 343 5.23 -51.82 18.81
CA LEU A 343 5.66 -52.65 17.69
C LEU A 343 7.19 -52.72 17.64
N LEU A 344 7.82 -52.47 18.80
CA LEU A 344 9.27 -52.53 18.93
C LEU A 344 9.63 -52.50 20.41
N LYS A 345 9.19 -51.44 21.10
CA LYS A 345 9.40 -51.27 22.53
C LYS A 345 10.87 -51.26 22.93
N GLU A 346 11.48 -50.08 22.96
CA GLU A 346 12.86 -49.92 23.36
C GLU A 346 13.11 -48.51 23.90
N ARG A 347 13.73 -47.66 23.08
CA ARG A 347 14.02 -46.29 23.47
C ARG A 347 14.13 -45.38 22.25
N ILE B 18 14.66 -35.81 11.84
CA ILE B 18 13.76 -36.93 11.64
C ILE B 18 12.57 -36.53 10.79
N ALA B 19 12.70 -36.72 9.47
CA ALA B 19 11.66 -36.32 8.52
C ALA B 19 10.53 -37.34 8.45
N GLY B 20 9.85 -37.34 7.31
CA GLY B 20 8.80 -38.30 7.03
C GLY B 20 7.53 -38.13 7.84
N TRP B 21 6.44 -38.66 7.32
CA TRP B 21 5.22 -38.77 8.09
C TRP B 21 4.66 -40.16 7.93
N HIS B 22 4.71 -40.63 6.70
CA HIS B 22 4.34 -41.98 6.33
C HIS B 22 5.65 -42.73 6.12
N GLY B 23 5.77 -43.95 6.61
CA GLY B 23 7.03 -44.64 6.39
C GLY B 23 7.08 -46.05 6.91
N TYR B 24 8.30 -46.55 7.07
CA TYR B 24 8.45 -47.94 7.46
C TYR B 24 9.38 -48.12 8.65
N THR B 25 9.36 -49.32 9.23
CA THR B 25 10.21 -49.66 10.36
C THR B 25 11.00 -50.92 10.04
N SER B 26 11.99 -51.21 10.87
CA SER B 26 12.66 -52.50 10.82
C SER B 26 13.22 -52.87 12.18
N HIS B 27 12.82 -54.03 12.70
CA HIS B 27 13.36 -54.51 13.96
C HIS B 27 14.62 -55.33 13.69
N GLY B 28 14.67 -56.57 14.18
CA GLY B 28 15.80 -57.43 13.92
C GLY B 28 16.99 -57.23 14.86
N ALA B 29 18.15 -57.75 14.47
CA ALA B 29 19.32 -57.76 15.33
C ALA B 29 20.10 -56.44 15.28
N HIS B 30 19.86 -55.64 14.24
CA HIS B 30 20.51 -54.34 14.10
C HIS B 30 19.81 -53.29 14.95
N GLY B 31 18.94 -53.73 15.85
CA GLY B 31 18.10 -52.83 16.60
C GLY B 31 16.95 -52.37 15.71
N VAL B 32 16.36 -51.21 16.03
CA VAL B 32 15.26 -50.71 15.23
C VAL B 32 15.78 -49.70 14.18
N ALA B 33 15.05 -49.57 13.08
CA ALA B 33 15.43 -48.67 12.00
C ALA B 33 14.20 -48.10 11.29
N VAL B 34 14.35 -46.90 10.72
CA VAL B 34 13.21 -46.09 10.26
C VAL B 34 13.45 -45.43 8.89
N ALA B 35 12.44 -45.45 8.03
CA ALA B 35 12.53 -44.83 6.70
C ALA B 35 11.15 -44.38 6.21
N ALA B 36 11.13 -43.23 5.51
CA ALA B 36 9.89 -42.57 5.06
C ALA B 36 9.46 -42.70 3.59
N ASP B 37 8.16 -42.97 3.41
CA ASP B 37 7.52 -43.03 2.09
C ASP B 37 7.14 -41.63 1.60
N LEU B 38 7.93 -41.06 0.71
CA LEU B 38 7.78 -39.66 0.29
C LEU B 38 6.43 -39.34 -0.38
N LYS B 39 6.01 -40.22 -1.30
CA LYS B 39 4.77 -40.00 -2.05
C LYS B 39 3.53 -40.09 -1.17
N SER B 40 3.50 -41.07 -0.28
CA SER B 40 2.38 -41.23 0.64
C SER B 40 2.32 -40.05 1.61
N THR B 41 3.48 -39.59 2.06
CA THR B 41 3.57 -38.43 2.93
C THR B 41 3.03 -37.20 2.20
N GLN B 42 3.48 -37.02 0.96
CA GLN B 42 3.13 -35.85 0.17
C GLN B 42 1.64 -35.81 -0.16
N GLU B 43 1.06 -36.94 -0.56
CA GLU B 43 -0.33 -36.92 -0.96
C GLU B 43 -1.24 -36.62 0.22
N ALA B 44 -0.86 -37.09 1.41
CA ALA B 44 -1.58 -36.75 2.62
C ALA B 44 -1.54 -35.24 2.85
N ILE B 45 -0.35 -34.70 2.69
CA ILE B 45 -0.10 -33.26 2.78
C ILE B 45 -0.96 -32.45 1.81
N ASN B 46 -0.87 -32.80 0.52
CA ASN B 46 -1.60 -32.08 -0.52
C ASN B 46 -3.11 -32.04 -0.25
N LYS B 47 -3.62 -33.10 0.37
CA LYS B 47 -5.03 -33.17 0.70
C LYS B 47 -5.40 -32.09 1.71
N ILE B 48 -4.52 -31.91 2.70
CA ILE B 48 -4.70 -30.88 3.71
C ILE B 48 -4.55 -29.46 3.16
N THR B 49 -3.58 -29.28 2.26
CA THR B 49 -3.35 -27.98 1.66
C THR B 49 -4.44 -27.53 0.69
N LYS B 50 -5.04 -28.48 -0.03
CA LYS B 50 -6.18 -28.15 -0.88
C LYS B 50 -7.38 -27.67 -0.07
N ASN B 51 -7.61 -28.33 1.06
CA ASN B 51 -8.68 -27.92 1.98
C ASN B 51 -8.43 -26.54 2.58
N LEU B 52 -7.21 -26.30 3.01
CA LEU B 52 -6.83 -24.99 3.55
C LEU B 52 -7.04 -23.89 2.52
N ASN B 53 -6.61 -24.13 1.29
CA ASN B 53 -6.77 -23.14 0.24
C ASN B 53 -8.24 -22.86 -0.04
N SER B 54 -9.01 -23.93 -0.19
CA SER B 54 -10.46 -23.81 -0.40
C SER B 54 -11.18 -23.04 0.70
N LEU B 55 -10.82 -23.29 1.95
CA LEU B 55 -11.44 -22.59 3.06
C LEU B 55 -10.97 -21.14 3.17
N SER B 56 -9.82 -20.86 2.58
CA SER B 56 -9.22 -19.54 2.63
C SER B 56 -9.74 -18.65 1.51
N GLU B 57 -10.47 -19.26 0.58
CA GLU B 57 -10.93 -18.54 -0.60
C GLU B 57 -12.46 -18.50 -0.71
N LEU B 58 -13.15 -18.85 0.37
CA LEU B 58 -14.60 -18.69 0.40
C LEU B 58 -14.88 -17.22 0.21
N GLU B 59 -15.84 -16.89 -0.66
CA GLU B 59 -16.22 -15.50 -0.82
C GLU B 59 -17.56 -15.17 -0.18
N VAL B 60 -17.52 -14.26 0.79
CA VAL B 60 -18.74 -13.84 1.49
C VAL B 60 -18.84 -12.32 1.45
N LYS B 61 -20.02 -11.80 1.13
CA LYS B 61 -20.19 -10.36 1.01
C LYS B 61 -20.19 -9.74 2.41
N ASN B 62 -19.69 -8.52 2.53
CA ASN B 62 -19.70 -7.85 3.83
C ASN B 62 -20.95 -7.02 4.06
N LEU B 63 -21.06 -6.46 5.26
CA LEU B 63 -22.23 -5.68 5.64
C LEU B 63 -21.88 -4.24 5.97
N GLN B 64 -22.59 -3.28 5.39
CA GLN B 64 -22.35 -1.88 5.73
C GLN B 64 -23.66 -1.21 6.14
N ARG B 65 -23.61 0.09 6.37
CA ARG B 65 -24.80 0.84 6.79
C ARG B 65 -25.69 1.05 5.57
N LEU B 66 -26.98 1.28 5.79
CA LEU B 66 -27.80 1.85 4.73
C LEU B 66 -27.31 3.25 4.40
N SER B 67 -27.23 3.59 3.11
CA SER B 67 -26.82 4.92 2.71
C SER B 67 -27.94 5.95 2.92
N GLY B 68 -29.18 5.53 2.74
CA GLY B 68 -30.33 6.41 2.85
C GLY B 68 -30.88 6.62 4.24
N ALA B 69 -30.73 5.63 5.11
CA ALA B 69 -31.29 5.72 6.46
C ALA B 69 -30.45 6.58 7.40
N MET B 70 -31.06 7.66 7.87
CA MET B 70 -30.39 8.60 8.77
C MET B 70 -30.70 8.29 10.24
N ASP B 71 -29.70 8.44 11.09
CA ASP B 71 -29.90 8.43 12.54
C ASP B 71 -30.95 9.46 12.96
N GLU B 72 -31.65 9.18 14.05
CA GLU B 72 -32.71 10.04 14.60
C GLU B 72 -34.01 10.04 13.77
N LEU B 73 -33.88 10.16 12.46
CA LEU B 73 -35.03 10.13 11.56
C LEU B 73 -35.57 8.73 11.31
N HIS B 74 -34.66 7.75 11.20
CA HIS B 74 -35.03 6.42 10.73
C HIS B 74 -34.55 5.34 11.70
N ASN B 75 -34.71 5.60 12.99
CA ASN B 75 -34.31 4.66 14.04
C ASN B 75 -35.00 3.31 13.92
N GLU B 76 -36.25 3.30 13.48
CA GLU B 76 -37.00 2.06 13.37
C GLU B 76 -36.42 1.16 12.29
N ILE B 77 -36.02 1.76 11.16
CA ILE B 77 -35.37 1.02 10.10
C ILE B 77 -33.98 0.52 10.49
N LEU B 78 -33.25 1.35 11.23
CA LEU B 78 -31.91 0.99 11.68
C LEU B 78 -31.91 -0.18 12.64
N GLU B 79 -32.98 -0.30 13.42
CA GLU B 79 -33.12 -1.45 14.33
C GLU B 79 -33.29 -2.72 13.52
N LEU B 80 -34.07 -2.63 12.45
CA LEU B 80 -34.29 -3.77 11.57
C LEU B 80 -33.01 -4.13 10.81
N ASP B 81 -32.28 -3.10 10.38
CA ASP B 81 -30.99 -3.30 9.73
C ASP B 81 -30.03 -4.09 10.59
N GLU B 82 -29.94 -3.70 11.86
CA GLU B 82 -29.10 -4.39 12.84
C GLU B 82 -29.54 -5.85 12.97
N LYS B 83 -30.85 -6.05 12.92
CA LYS B 83 -31.43 -7.38 13.03
C LYS B 83 -31.07 -8.26 11.84
N VAL B 84 -31.14 -7.70 10.64
CA VAL B 84 -30.74 -8.43 9.44
C VAL B 84 -29.28 -8.85 9.50
N ASP B 85 -28.42 -7.94 9.96
CA ASP B 85 -27.00 -8.24 10.12
C ASP B 85 -26.72 -9.35 11.13
N ASP B 86 -27.40 -9.28 12.28
CA ASP B 86 -27.20 -10.24 13.36
C ASP B 86 -27.55 -11.66 12.94
N LEU B 87 -28.69 -11.81 12.28
CA LEU B 87 -29.13 -13.10 11.80
C LEU B 87 -28.24 -13.63 10.68
N ARG B 88 -27.75 -12.72 9.86
CA ARG B 88 -26.85 -13.08 8.76
C ARG B 88 -25.51 -13.62 9.25
N ALA B 89 -24.90 -12.93 10.22
CA ALA B 89 -23.65 -13.39 10.82
C ALA B 89 -23.76 -14.81 11.35
N ASP B 90 -24.83 -15.08 12.09
CA ASP B 90 -25.11 -16.39 12.66
C ASP B 90 -25.23 -17.48 11.60
N THR B 91 -26.00 -17.20 10.55
CA THR B 91 -26.18 -18.11 9.43
C THR B 91 -24.85 -18.43 8.74
N ILE B 92 -24.07 -17.40 8.46
CA ILE B 92 -22.78 -17.58 7.78
C ILE B 92 -21.80 -18.34 8.67
N SER B 93 -21.83 -18.07 9.98
CA SER B 93 -20.98 -18.79 10.92
C SER B 93 -21.26 -20.29 10.89
N SER B 94 -22.54 -20.65 10.94
CA SER B 94 -22.97 -22.04 10.89
C SER B 94 -22.58 -22.67 9.55
N GLN B 95 -22.71 -21.90 8.48
CA GLN B 95 -22.39 -22.36 7.14
C GLN B 95 -20.89 -22.62 6.98
N ILE B 96 -20.08 -21.77 7.60
CA ILE B 96 -18.62 -21.91 7.55
C ILE B 96 -18.13 -23.05 8.43
N GLU B 97 -18.77 -23.19 9.58
CA GLU B 97 -18.48 -24.26 10.55
C GLU B 97 -18.67 -25.64 9.93
N LEU B 98 -19.76 -25.81 9.19
CA LEU B 98 -20.04 -27.07 8.51
C LEU B 98 -19.00 -27.37 7.44
N ALA B 99 -18.59 -26.35 6.70
CA ALA B 99 -17.51 -26.48 5.72
C ALA B 99 -16.23 -27.04 6.34
N VAL B 100 -15.85 -26.52 7.49
CA VAL B 100 -14.69 -27.03 8.21
C VAL B 100 -14.88 -28.48 8.67
N LEU B 101 -16.04 -28.77 9.24
CA LEU B 101 -16.37 -30.13 9.66
C LEU B 101 -16.33 -31.13 8.51
N LEU B 102 -16.76 -30.69 7.33
CA LEU B 102 -16.75 -31.52 6.14
C LEU B 102 -15.33 -31.73 5.61
N SER B 103 -14.53 -30.67 5.65
CA SER B 103 -13.12 -30.75 5.32
C SER B 103 -12.40 -31.75 6.21
N ASN B 104 -12.61 -31.66 7.52
CA ASN B 104 -11.95 -32.56 8.46
C ASN B 104 -12.36 -34.00 8.19
N GLU B 105 -13.63 -34.19 7.83
CA GLU B 105 -14.13 -35.51 7.45
C GLU B 105 -13.35 -36.10 6.28
N GLY B 106 -13.16 -35.31 5.24
CA GLY B 106 -12.46 -35.76 4.04
C GLY B 106 -10.99 -36.02 4.27
N ILE B 107 -10.37 -35.24 5.16
CA ILE B 107 -8.96 -35.40 5.45
C ILE B 107 -8.72 -36.67 6.25
N ILE B 108 -9.54 -36.88 7.27
CA ILE B 108 -9.43 -38.06 8.10
C ILE B 108 -9.74 -39.33 7.32
N ASN B 109 -10.73 -39.29 6.44
CA ASN B 109 -11.02 -40.45 5.62
C ASN B 109 -9.90 -40.80 4.65
N SER B 110 -9.14 -39.79 4.21
CA SER B 110 -8.10 -40.05 3.21
C SER B 110 -6.95 -40.81 3.85
N GLU B 111 -6.87 -40.72 5.18
CA GLU B 111 -5.87 -41.42 5.98
C GLU B 111 -5.97 -42.92 5.84
N ASP B 112 -7.18 -43.43 6.02
CA ASP B 112 -7.49 -44.84 5.87
C ASP B 112 -7.22 -45.36 4.47
N GLU B 113 -7.46 -44.53 3.45
CA GLU B 113 -7.19 -44.95 2.09
C GLU B 113 -5.69 -45.14 1.90
N HIS B 114 -4.91 -44.21 2.43
CA HIS B 114 -3.46 -44.25 2.33
C HIS B 114 -2.83 -45.42 3.09
N LEU B 115 -3.28 -45.64 4.32
CA LEU B 115 -2.77 -46.74 5.14
C LEU B 115 -3.02 -48.11 4.51
N LEU B 116 -4.24 -48.33 4.06
CA LEU B 116 -4.64 -49.55 3.37
C LEU B 116 -3.79 -49.78 2.13
N ALA B 117 -3.45 -48.68 1.46
CA ALA B 117 -2.62 -48.71 0.26
C ALA B 117 -1.17 -48.99 0.59
N LEU B 118 -0.76 -48.62 1.80
CA LEU B 118 0.59 -48.92 2.27
C LEU B 118 0.73 -50.40 2.63
N GLU B 119 -0.35 -50.99 3.14
CA GLU B 119 -0.33 -52.40 3.46
C GLU B 119 -0.26 -53.24 2.18
N ARG B 120 -1.00 -52.82 1.16
CA ARG B 120 -1.03 -53.57 -0.10
C ARG B 120 0.31 -53.43 -0.83
N LYS B 121 1.10 -52.43 -0.44
CA LYS B 121 2.44 -52.23 -0.99
C LYS B 121 3.50 -53.04 -0.24
N LEU B 122 3.25 -53.29 1.03
CA LEU B 122 4.12 -54.10 1.88
C LEU B 122 3.80 -55.56 1.67
N LYS B 123 2.76 -55.80 0.87
CA LYS B 123 2.31 -57.13 0.52
C LYS B 123 2.75 -57.41 -0.92
N LYS B 124 2.96 -56.37 -1.71
CA LYS B 124 3.41 -56.57 -3.08
C LYS B 124 4.92 -56.82 -3.01
N MET B 125 5.64 -56.07 -2.16
CA MET B 125 7.08 -56.25 -2.02
C MET B 125 7.36 -57.47 -1.15
N LEU B 126 8.64 -57.66 -0.79
CA LEU B 126 9.12 -58.67 0.18
C LEU B 126 8.50 -60.08 0.12
N GLY B 127 7.79 -60.39 -0.96
CA GLY B 127 7.11 -61.65 -1.20
C GLY B 127 6.47 -62.51 -0.11
N PRO B 128 5.86 -63.63 -0.52
CA PRO B 128 5.14 -64.61 0.32
C PRO B 128 6.00 -65.31 1.38
N SER B 129 7.30 -65.07 1.36
CA SER B 129 8.24 -65.61 2.35
C SER B 129 8.05 -64.98 3.72
N ALA B 130 7.48 -63.79 3.71
CA ALA B 130 7.14 -63.07 4.92
C ALA B 130 5.72 -63.38 5.32
N VAL B 131 5.38 -63.12 6.57
CA VAL B 131 4.04 -63.37 7.06
C VAL B 131 3.53 -62.12 7.77
N GLU B 132 2.30 -61.78 7.41
CA GLU B 132 1.65 -60.58 7.88
C GLU B 132 1.01 -60.73 9.24
N ILE B 133 1.32 -59.79 10.11
CA ILE B 133 0.87 -59.80 11.49
C ILE B 133 -0.58 -59.34 11.52
N GLY B 134 -0.98 -58.62 10.48
CA GLY B 134 -2.28 -57.98 10.42
C GLY B 134 -2.23 -56.70 11.21
N ASN B 135 -1.02 -56.17 11.36
CA ASN B 135 -0.75 -55.03 12.22
C ASN B 135 -0.20 -53.86 11.43
N GLY B 136 -0.09 -54.05 10.12
CA GLY B 136 0.64 -53.13 9.27
C GLY B 136 2.10 -53.55 9.33
N CYS B 137 2.38 -54.52 10.18
CA CYS B 137 3.73 -55.00 10.39
C CYS B 137 3.89 -56.42 9.87
N PHE B 138 5.11 -56.78 9.51
CA PHE B 138 5.39 -58.09 8.94
C PHE B 138 6.55 -58.79 9.63
N GLU B 139 6.58 -60.12 9.53
CA GLU B 139 7.72 -60.91 10.00
C GLU B 139 8.44 -61.52 8.80
N THR B 140 9.66 -61.05 8.55
CA THR B 140 10.42 -61.49 7.38
C THR B 140 11.45 -62.55 7.74
N LYS B 141 11.72 -63.45 6.80
CA LYS B 141 12.76 -64.46 6.97
C LYS B 141 14.13 -63.82 7.07
N HIS B 142 14.35 -62.83 6.20
CA HIS B 142 15.66 -62.20 6.07
C HIS B 142 15.89 -61.08 7.06
N LYS B 143 17.15 -60.68 7.21
CA LYS B 143 17.51 -59.46 7.91
C LYS B 143 17.11 -58.27 7.05
N CYS B 144 17.09 -57.08 7.65
CA CYS B 144 16.73 -55.89 6.89
C CYS B 144 17.79 -54.80 7.04
N ASN B 145 17.64 -53.99 8.08
CA ASN B 145 18.42 -52.79 8.40
C ASN B 145 18.22 -51.66 7.39
N GLN B 146 18.96 -50.58 7.58
CA GLN B 146 18.77 -49.32 6.86
C GLN B 146 18.66 -49.49 5.35
N THR B 147 19.73 -49.99 4.73
CA THR B 147 19.81 -50.14 3.29
C THR B 147 18.66 -50.97 2.69
N CYS B 148 18.38 -52.11 3.32
CA CYS B 148 17.29 -52.97 2.86
C CYS B 148 15.93 -52.31 3.08
N LEU B 149 15.82 -51.54 4.15
CA LEU B 149 14.59 -50.82 4.46
C LEU B 149 14.44 -49.61 3.54
N ASP B 150 15.57 -49.00 3.18
CA ASP B 150 15.56 -47.85 2.28
C ASP B 150 15.05 -48.24 0.89
N ARG B 151 15.34 -49.47 0.48
CA ARG B 151 14.88 -49.96 -0.81
C ARG B 151 13.40 -50.28 -0.78
N ILE B 152 12.90 -50.68 0.39
CA ILE B 152 11.47 -50.87 0.59
C ILE B 152 10.78 -49.52 0.49
N ALA B 153 11.42 -48.50 1.05
CA ALA B 153 10.90 -47.13 1.01
C ALA B 153 10.98 -46.55 -0.40
N ALA B 154 12.00 -46.96 -1.15
CA ALA B 154 12.22 -46.46 -2.50
C ALA B 154 11.42 -47.25 -3.52
N GLY B 155 10.87 -48.38 -3.10
CA GLY B 155 10.08 -49.22 -3.98
C GLY B 155 10.93 -50.03 -4.95
N THR B 156 12.21 -50.17 -4.62
CA THR B 156 13.15 -50.89 -5.48
C THR B 156 13.58 -52.20 -4.84
N PHE B 157 13.04 -52.51 -3.67
CA PHE B 157 13.39 -53.72 -2.95
C PHE B 157 12.95 -54.97 -3.70
N ASP B 158 13.90 -55.88 -3.93
CA ASP B 158 13.59 -57.16 -4.53
C ASP B 158 13.86 -58.26 -3.52
N ALA B 159 12.89 -59.16 -3.35
CA ALA B 159 13.02 -60.27 -2.42
C ALA B 159 14.21 -61.14 -2.79
N GLY B 160 14.38 -61.39 -4.08
CA GLY B 160 15.43 -62.25 -4.59
C GLY B 160 16.86 -61.90 -4.23
N GLU B 161 17.06 -60.73 -3.63
CA GLU B 161 18.35 -60.35 -3.07
C GLU B 161 18.84 -61.47 -2.15
N PHE B 162 18.12 -61.66 -1.04
CA PHE B 162 18.20 -62.89 -0.27
C PHE B 162 17.37 -63.91 -1.03
N SER B 163 17.99 -64.96 -1.55
CA SER B 163 17.30 -65.94 -2.40
C SER B 163 15.94 -66.36 -1.84
N LEU B 164 14.92 -65.54 -2.12
CA LEU B 164 13.57 -65.73 -1.59
C LEU B 164 12.52 -65.56 -2.67
N PRO B 165 11.30 -66.10 -2.45
CA PRO B 165 10.21 -65.97 -3.41
C PRO B 165 9.76 -64.52 -3.62
N THR B 166 9.40 -64.19 -4.86
CA THR B 166 8.87 -62.88 -5.20
C THR B 166 7.51 -63.03 -5.88
N PHE B 167 6.71 -61.98 -5.85
CA PHE B 167 5.39 -62.00 -6.47
C PHE B 167 5.46 -61.73 -7.97
N GLU C 1 -26.97 58.02 3.50
CA GLU C 1 -25.96 57.01 3.78
C GLU C 1 -25.58 56.99 5.25
N VAL C 2 -25.07 55.86 5.70
CA VAL C 2 -24.48 55.75 7.04
C VAL C 2 -23.06 56.28 7.05
N GLN C 3 -22.72 57.05 8.09
CA GLN C 3 -21.34 57.47 8.32
C GLN C 3 -20.89 57.08 9.73
N LEU C 4 -19.70 56.50 9.80
CA LEU C 4 -19.06 56.22 11.08
C LEU C 4 -17.63 56.76 11.09
N VAL C 5 -17.38 57.72 11.96
CA VAL C 5 -16.09 58.43 11.97
C VAL C 5 -15.39 58.28 13.31
N GLU C 6 -14.38 57.43 13.34
CA GLU C 6 -13.65 57.18 14.59
C GLU C 6 -12.49 58.15 14.76
N SER C 7 -12.17 58.42 16.02
CA SER C 7 -10.97 59.20 16.37
C SER C 7 -10.55 58.87 17.79
N GLY C 8 -9.41 59.43 18.21
CA GLY C 8 -8.93 59.23 19.56
C GLY C 8 -7.74 58.29 19.67
N GLY C 9 -7.40 57.63 18.57
CA GLY C 9 -6.25 56.75 18.56
C GLY C 9 -4.96 57.54 18.70
N GLY C 10 -3.86 56.84 18.93
CA GLY C 10 -2.56 57.47 18.99
C GLY C 10 -1.43 56.52 19.31
N LEU C 11 -0.22 57.06 19.42
CA LEU C 11 0.94 56.30 19.86
C LEU C 11 1.12 56.47 21.36
N VAL C 12 1.18 55.35 22.09
CA VAL C 12 1.17 55.39 23.54
C VAL C 12 2.06 54.27 24.07
N GLN C 13 2.63 54.47 25.25
CA GLN C 13 3.43 53.44 25.91
C GLN C 13 2.56 52.35 26.51
N PRO C 14 3.11 51.13 26.63
CA PRO C 14 2.43 50.04 27.34
C PRO C 14 2.08 50.44 28.77
N GLY C 15 0.90 50.04 29.24
CA GLY C 15 0.45 50.42 30.56
C GLY C 15 -0.35 51.71 30.53
N GLY C 16 -0.31 52.38 29.37
CA GLY C 16 -1.00 53.64 29.18
C GLY C 16 -2.48 53.46 28.84
N SER C 17 -3.14 54.57 28.55
CA SER C 17 -4.57 54.55 28.29
C SER C 17 -4.95 55.39 27.07
N LEU C 18 -6.03 54.99 26.41
CA LEU C 18 -6.63 55.79 25.34
C LEU C 18 -8.14 55.74 25.45
N ARG C 19 -8.80 56.75 24.88
CA ARG C 19 -10.25 56.70 24.72
C ARG C 19 -10.64 56.93 23.27
N LEU C 20 -11.24 55.90 22.66
CA LEU C 20 -11.74 56.01 21.30
C LEU C 20 -13.18 56.51 21.31
N SER C 21 -13.54 57.26 20.27
CA SER C 21 -14.93 57.65 20.07
C SER C 21 -15.37 57.36 18.64
N CYS C 22 -16.68 57.25 18.45
CA CYS C 22 -17.24 56.94 17.15
C CYS C 22 -18.47 57.77 16.90
N ALA C 23 -18.39 58.68 15.94
CA ALA C 23 -19.52 59.54 15.59
C ALA C 23 -20.37 58.88 14.51
N ALA C 24 -21.64 58.64 14.82
CA ALA C 24 -22.52 57.94 13.90
C ALA C 24 -23.58 58.87 13.31
N SER C 25 -23.95 58.62 12.06
CA SER C 25 -25.06 59.33 11.44
C SER C 25 -25.66 58.53 10.29
N GLY C 26 -26.89 58.89 9.93
CA GLY C 26 -27.52 58.38 8.73
C GLY C 26 -28.35 57.14 9.00
N PHE C 27 -28.48 56.79 10.27
CA PHE C 27 -29.32 55.67 10.68
C PHE C 27 -29.86 55.88 12.08
N THR C 28 -30.71 54.95 12.55
CA THR C 28 -31.33 55.05 13.85
C THR C 28 -30.43 54.40 14.90
N PHE C 29 -29.58 55.22 15.53
CA PHE C 29 -28.53 54.74 16.42
C PHE C 29 -29.04 53.90 17.58
N SER C 30 -30.14 54.32 18.18
CA SER C 30 -30.59 53.74 19.45
C SER C 30 -31.18 52.34 19.28
N THR C 31 -31.43 51.94 18.03
CA THR C 31 -31.92 50.59 17.74
C THR C 31 -30.86 49.71 17.09
N SER C 32 -29.62 50.18 17.06
CA SER C 32 -28.52 49.41 16.51
C SER C 32 -27.63 48.76 17.55
N TRP C 33 -27.18 47.54 17.27
CA TRP C 33 -26.04 46.96 17.97
C TRP C 33 -24.77 47.64 17.49
N MET C 34 -23.86 47.95 18.41
CA MET C 34 -22.66 48.69 18.03
C MET C 34 -21.42 47.91 18.43
N TYR C 35 -20.39 48.00 17.60
CA TYR C 35 -19.22 47.14 17.74
C TYR C 35 -17.95 47.95 17.71
N TRP C 36 -16.93 47.47 18.41
CA TRP C 36 -15.56 47.84 18.06
C TRP C 36 -14.83 46.64 17.48
N LEU C 37 -14.17 46.85 16.35
CA LEU C 37 -13.34 45.81 15.77
C LEU C 37 -11.90 46.32 15.74
N ARG C 38 -10.94 45.42 15.56
CA ARG C 38 -9.58 45.84 15.32
C ARG C 38 -8.88 44.93 14.33
N GLN C 39 -7.89 45.46 13.63
CA GLN C 39 -7.08 44.66 12.73
C GLN C 39 -5.60 44.87 13.01
N ALA C 40 -4.98 43.91 13.69
CA ALA C 40 -3.54 43.95 13.90
C ALA C 40 -2.85 43.69 12.57
N PRO C 41 -1.72 44.36 12.32
CA PRO C 41 -1.09 44.19 11.01
C PRO C 41 -0.60 42.77 10.77
N GLY C 42 -0.94 42.22 9.61
CA GLY C 42 -0.64 40.83 9.30
C GLY C 42 -1.82 39.91 9.55
N LYS C 43 -2.83 40.42 10.25
CA LYS C 43 -4.00 39.61 10.59
C LYS C 43 -5.28 40.13 9.95
N GLY C 44 -6.36 39.37 10.08
CA GLY C 44 -7.67 39.82 9.68
C GLY C 44 -8.40 40.55 10.79
N LEU C 45 -9.67 40.87 10.55
CA LEU C 45 -10.49 41.56 11.54
C LEU C 45 -10.86 40.64 12.68
N GLU C 46 -10.91 41.19 13.89
CA GLU C 46 -11.45 40.49 15.05
C GLU C 46 -12.31 41.44 15.86
N TRP C 47 -13.35 40.92 16.51
CA TRP C 47 -14.21 41.77 17.32
C TRP C 47 -13.60 41.96 18.70
N VAL C 48 -13.82 43.15 19.26
CA VAL C 48 -13.24 43.52 20.56
C VAL C 48 -14.33 43.69 21.61
N SER C 49 -15.37 44.45 21.28
CA SER C 49 -16.46 44.71 22.20
C SER C 49 -17.71 45.14 21.47
N VAL C 50 -18.87 44.80 22.04
CA VAL C 50 -20.14 45.14 21.44
C VAL C 50 -21.09 45.63 22.55
N ILE C 51 -22.06 46.47 22.17
CA ILE C 51 -23.09 46.91 23.09
C ILE C 51 -24.47 46.84 22.43
N ASN C 52 -25.42 46.23 23.11
CA ASN C 52 -26.77 46.10 22.58
C ASN C 52 -27.62 47.33 22.92
N THR C 53 -28.89 47.29 22.54
CA THR C 53 -29.74 48.47 22.66
C THR C 53 -30.22 48.80 24.08
N ASP C 54 -30.03 47.90 25.03
CA ASP C 54 -30.35 48.22 26.42
C ASP C 54 -29.10 48.49 27.26
N GLY C 55 -27.95 48.61 26.59
CA GLY C 55 -26.71 48.95 27.27
C GLY C 55 -25.92 47.76 27.81
N GLY C 56 -26.40 46.55 27.57
CA GLY C 56 -25.66 45.36 27.92
C GLY C 56 -24.44 45.18 27.03
N THR C 57 -23.36 44.67 27.59
CA THR C 57 -22.08 44.67 26.88
C THR C 57 -21.42 43.30 26.84
N TYR C 58 -20.62 43.07 25.81
CA TYR C 58 -19.84 41.85 25.65
C TYR C 58 -18.42 42.19 25.20
N TYR C 59 -17.44 41.39 25.65
CA TYR C 59 -16.04 41.68 25.36
C TYR C 59 -15.32 40.41 24.94
N ALA C 60 -14.34 40.55 24.05
CA ALA C 60 -13.36 39.50 23.81
C ALA C 60 -12.54 39.27 25.08
N ASP C 61 -12.13 38.02 25.29
CA ASP C 61 -11.46 37.66 26.53
C ASP C 61 -10.21 38.50 26.82
N SER C 62 -9.42 38.75 25.78
CA SER C 62 -8.10 39.34 25.99
C SER C 62 -8.17 40.82 26.41
N VAL C 63 -9.35 41.43 26.28
CA VAL C 63 -9.51 42.83 26.61
C VAL C 63 -10.31 43.05 27.89
N LYS C 64 -10.78 41.95 28.49
CA LYS C 64 -11.57 42.02 29.71
C LYS C 64 -10.80 42.64 30.87
N GLY C 65 -11.42 43.61 31.55
CA GLY C 65 -10.80 44.30 32.66
C GLY C 65 -9.88 45.39 32.17
N ARG C 66 -9.70 45.45 30.85
CA ARG C 66 -8.87 46.46 30.22
C ARG C 66 -9.68 47.44 29.39
N PHE C 67 -10.58 46.94 28.55
CA PHE C 67 -11.37 47.80 27.69
C PHE C 67 -12.83 47.88 28.14
N THR C 68 -13.43 49.06 27.99
CA THR C 68 -14.84 49.24 28.32
C THR C 68 -15.58 49.94 27.18
N ILE C 69 -16.63 49.30 26.67
CA ILE C 69 -17.50 49.92 25.67
C ILE C 69 -18.68 50.65 26.31
N SER C 70 -19.04 51.81 25.77
CA SER C 70 -20.24 52.53 26.22
C SER C 70 -20.87 53.30 25.07
N ARG C 71 -22.16 53.62 25.22
CA ARG C 71 -22.87 54.40 24.20
C ARG C 71 -23.55 55.63 24.78
N ASP C 72 -23.53 56.73 24.02
CA ASP C 72 -24.32 57.91 24.35
C ASP C 72 -25.34 58.14 23.23
N ASN C 73 -26.55 57.60 23.40
CA ASN C 73 -27.55 57.67 22.36
C ASN C 73 -27.95 59.10 21.98
N SER C 74 -28.02 60.00 22.97
CA SER C 74 -28.46 61.36 22.70
C SER C 74 -27.52 62.07 21.74
N LYS C 75 -26.24 61.67 21.77
CA LYS C 75 -25.22 62.32 20.95
C LYS C 75 -24.66 61.37 19.89
N ASN C 76 -25.36 60.28 19.61
CA ASN C 76 -25.00 59.35 18.55
C ASN C 76 -23.53 58.94 18.60
N THR C 77 -23.03 58.67 19.80
CA THR C 77 -21.62 58.37 19.99
C THR C 77 -21.39 57.01 20.67
N LEU C 78 -20.43 56.26 20.13
CA LEU C 78 -19.92 55.06 20.77
C LEU C 78 -18.51 55.30 21.33
N TYR C 79 -18.24 54.83 22.53
CA TYR C 79 -16.92 54.99 23.13
C TYR C 79 -16.26 53.65 23.40
N LEU C 80 -14.93 53.64 23.35
CA LEU C 80 -14.15 52.52 23.87
C LEU C 80 -13.03 53.05 24.77
N GLN C 81 -13.19 52.86 26.08
CA GLN C 81 -12.13 53.21 27.02
C GLN C 81 -11.11 52.08 27.11
N MET C 82 -9.87 52.40 26.78
CA MET C 82 -8.81 51.40 26.70
C MET C 82 -7.76 51.67 27.76
N ASN C 83 -7.82 50.91 28.85
CA ASN C 83 -6.84 51.04 29.92
C ASN C 83 -5.84 49.90 29.92
N SER C 84 -4.67 50.15 30.51
CA SER C 84 -3.62 49.15 30.68
C SER C 84 -3.28 48.50 29.34
N LEU C 85 -2.97 49.34 28.36
CA LEU C 85 -2.69 48.91 27.00
C LEU C 85 -1.44 48.04 26.89
N ARG C 86 -1.47 47.13 25.92
CA ARG C 86 -0.36 46.22 25.67
C ARG C 86 0.15 46.41 24.25
N ALA C 87 1.41 46.10 24.02
CA ALA C 87 1.98 46.13 22.67
C ALA C 87 1.14 45.33 21.68
N GLU C 88 0.61 44.21 22.14
CA GLU C 88 -0.21 43.32 21.30
C GLU C 88 -1.54 43.96 20.89
N ASP C 89 -1.89 45.07 21.53
CA ASP C 89 -3.10 45.79 21.17
C ASP C 89 -2.92 46.69 19.94
N THR C 90 -1.69 46.78 19.46
CA THR C 90 -1.40 47.59 18.27
C THR C 90 -2.23 47.10 17.09
N ALA C 91 -3.01 48.00 16.50
CA ALA C 91 -3.97 47.67 15.46
C ALA C 91 -4.70 48.91 14.98
N VAL C 92 -5.35 48.82 13.83
CA VAL C 92 -6.37 49.80 13.47
C VAL C 92 -7.69 49.36 14.08
N TYR C 93 -8.34 50.26 14.80
CA TYR C 93 -9.61 49.99 15.43
C TYR C 93 -10.80 50.59 14.67
N TYR C 94 -11.85 49.79 14.49
CA TYR C 94 -12.99 50.25 13.73
C TYR C 94 -14.26 50.16 14.58
N CYS C 95 -15.07 51.22 14.53
CA CYS C 95 -16.44 51.17 15.04
C CYS C 95 -17.33 50.50 14.00
N ALA C 96 -18.33 49.75 14.45
CA ALA C 96 -19.28 49.18 13.49
C ALA C 96 -20.71 49.06 14.00
N LYS C 97 -21.63 49.27 13.07
CA LYS C 97 -23.08 49.13 13.24
C LYS C 97 -23.60 47.81 12.70
N ASP C 98 -24.37 47.06 13.49
CA ASP C 98 -25.10 45.91 12.93
C ASP C 98 -24.21 45.02 12.07
N TRP C 99 -23.05 44.66 12.61
CA TRP C 99 -22.03 43.91 11.89
C TRP C 99 -22.52 42.55 11.41
N GLY C 100 -23.47 41.96 12.14
CA GLY C 100 -24.08 40.75 11.64
C GLY C 100 -25.20 41.21 10.74
N GLY C 101 -25.59 40.37 9.78
CA GLY C 101 -26.62 40.66 8.78
C GLY C 101 -27.74 41.67 9.05
N PRO C 102 -28.30 42.25 7.98
CA PRO C 102 -28.06 42.15 6.54
C PRO C 102 -27.08 43.16 5.89
N GLU C 103 -27.17 44.40 6.36
CA GLU C 103 -26.37 45.55 5.94
C GLU C 103 -25.32 46.04 6.95
N PRO C 104 -24.31 45.19 7.23
CA PRO C 104 -23.22 45.62 8.12
C PRO C 104 -22.44 46.77 7.53
N THR C 105 -21.99 47.66 8.40
CA THR C 105 -21.13 48.76 7.99
C THR C 105 -20.09 49.10 9.05
N ARG C 106 -18.94 49.49 8.51
CA ARG C 106 -17.72 49.80 9.23
C ARG C 106 -17.34 51.25 8.99
N GLY C 107 -16.69 51.86 9.98
CA GLY C 107 -16.21 53.21 9.84
C GLY C 107 -14.87 53.23 9.16
N GLN C 108 -14.15 54.34 9.26
CA GLN C 108 -12.90 54.49 8.53
C GLN C 108 -11.70 54.05 9.35
N GLY C 109 -11.89 53.89 10.65
CA GLY C 109 -10.82 53.40 11.49
C GLY C 109 -9.97 54.50 12.10
N THR C 110 -9.37 54.17 13.24
CA THR C 110 -8.38 55.02 13.87
C THR C 110 -7.26 54.13 14.39
N LEU C 111 -6.02 54.49 14.07
CA LEU C 111 -4.90 53.65 14.43
C LEU C 111 -4.46 53.88 15.87
N VAL C 112 -4.28 52.77 16.58
CA VAL C 112 -3.68 52.77 17.90
C VAL C 112 -2.40 51.94 17.85
N THR C 113 -1.29 52.57 18.18
CA THR C 113 0.00 51.90 18.22
C THR C 113 0.63 51.98 19.60
N VAL C 114 0.88 50.82 20.20
CA VAL C 114 1.42 50.77 21.55
C VAL C 114 2.86 50.27 21.52
N SER C 115 3.79 51.13 21.93
CA SER C 115 5.21 50.84 21.82
C SER C 115 5.99 51.54 22.94
N SER C 116 7.01 50.86 23.46
CA SER C 116 8.03 51.53 24.26
C SER C 116 9.18 52.02 23.39
N SER D 2 34.73 -26.67 0.09
CA SER D 2 33.40 -27.13 0.45
C SER D 2 33.31 -28.65 0.47
N ALA D 3 32.19 -29.17 -0.01
CA ALA D 3 31.75 -30.53 0.35
C ALA D 3 31.88 -31.43 -0.87
N LEU D 4 31.19 -31.06 -1.94
CA LEU D 4 31.37 -31.71 -3.23
C LEU D 4 32.33 -30.89 -4.08
N THR D 5 33.16 -31.57 -4.86
CA THR D 5 34.23 -30.90 -5.60
C THR D 5 34.14 -31.11 -7.10
N GLN D 6 34.17 -30.00 -7.85
CA GLN D 6 34.09 -30.04 -9.31
C GLN D 6 35.25 -29.23 -9.89
N PRO D 7 35.67 -29.56 -11.12
CA PRO D 7 36.73 -28.79 -11.76
C PRO D 7 36.31 -27.34 -12.01
N PRO D 8 37.21 -26.37 -11.79
CA PRO D 8 36.88 -24.96 -11.95
C PRO D 8 36.58 -24.57 -13.40
N ALA D 9 37.13 -25.33 -14.34
CA ALA D 9 36.95 -25.02 -15.76
C ALA D 9 36.90 -26.29 -16.61
N VAL D 10 36.05 -26.25 -17.63
CA VAL D 10 36.04 -27.25 -18.71
C VAL D 10 35.81 -26.51 -20.02
N SER D 11 36.28 -27.08 -21.13
CA SER D 11 36.05 -26.46 -22.43
C SER D 11 35.84 -27.50 -23.53
N GLY D 12 35.26 -27.05 -24.65
CA GLY D 12 35.09 -27.89 -25.81
C GLY D 12 34.70 -27.09 -27.03
N THR D 13 34.71 -27.74 -28.19
CA THR D 13 34.30 -27.10 -29.43
C THR D 13 32.87 -27.47 -29.78
N PRO D 14 32.17 -26.62 -30.57
CA PRO D 14 30.77 -26.85 -30.96
C PRO D 14 30.48 -28.25 -31.48
N GLY D 15 29.52 -28.91 -30.82
CA GLY D 15 29.04 -30.23 -31.21
C GLY D 15 29.73 -31.38 -30.51
N GLN D 16 30.86 -31.09 -29.87
CA GLN D 16 31.57 -32.10 -29.10
C GLN D 16 30.78 -32.50 -27.85
N ARG D 17 31.08 -33.68 -27.31
CA ARG D 17 30.58 -34.06 -26.00
C ARG D 17 31.55 -33.67 -24.88
N VAL D 18 31.03 -32.98 -23.86
CA VAL D 18 31.81 -32.61 -22.69
C VAL D 18 31.16 -33.14 -21.41
N THR D 19 32.00 -33.49 -20.43
CA THR D 19 31.50 -34.01 -19.16
C THR D 19 32.03 -33.22 -17.96
N ILE D 20 31.22 -33.12 -16.91
CA ILE D 20 31.62 -32.44 -15.68
C ILE D 20 31.38 -33.32 -14.47
N SER D 21 32.43 -33.56 -13.70
CA SER D 21 32.38 -34.48 -12.57
C SER D 21 32.10 -33.81 -11.22
N CYS D 22 31.67 -34.62 -10.26
CA CYS D 22 31.34 -34.14 -8.92
C CYS D 22 31.71 -35.23 -7.92
N SER D 23 32.77 -35.01 -7.14
CA SER D 23 33.15 -35.97 -6.11
C SER D 23 32.65 -35.60 -4.72
N GLY D 24 32.01 -36.56 -4.07
CA GLY D 24 31.53 -36.41 -2.70
C GLY D 24 32.05 -37.49 -1.76
N SER D 25 31.20 -37.88 -0.82
CA SER D 25 31.58 -38.78 0.27
C SER D 25 30.37 -39.66 0.60
N ASP D 26 30.53 -40.57 1.56
CA ASP D 26 29.44 -41.45 1.95
C ASP D 26 28.28 -40.67 2.58
N SER D 27 28.61 -39.58 3.28
CA SER D 27 27.64 -38.81 4.03
C SER D 27 26.74 -37.91 3.17
N ASN D 28 27.11 -37.71 1.92
CA ASN D 28 26.28 -36.97 0.95
C ASN D 28 25.87 -37.82 -0.25
N ILE D 29 26.69 -37.74 -1.30
CA ILE D 29 26.41 -38.38 -2.59
C ILE D 29 26.17 -39.87 -2.37
N GLY D 30 26.97 -40.44 -1.48
CA GLY D 30 26.88 -41.84 -1.09
C GLY D 30 25.45 -42.28 -0.81
N ARG D 31 24.74 -41.56 0.07
CA ARG D 31 23.45 -42.03 0.55
C ARG D 31 22.27 -41.16 0.09
N ARG D 32 22.53 -40.09 -0.67
CA ARG D 32 21.44 -39.25 -1.14
C ARG D 32 21.52 -38.93 -2.64
N SER D 33 20.41 -38.48 -3.20
CA SER D 33 20.29 -38.20 -4.64
C SER D 33 20.98 -36.89 -5.01
N VAL D 34 21.55 -36.84 -6.20
CA VAL D 34 22.26 -35.65 -6.68
C VAL D 34 21.40 -34.81 -7.62
N ASN D 35 21.47 -33.50 -7.47
CA ASN D 35 20.79 -32.56 -8.37
C ASN D 35 21.79 -31.65 -9.07
N TRP D 36 21.47 -31.22 -10.29
CA TRP D 36 22.34 -30.30 -11.02
C TRP D 36 21.62 -29.03 -11.45
N TYR D 37 22.33 -27.91 -11.39
CA TYR D 37 21.77 -26.62 -11.78
C TYR D 37 22.62 -25.86 -12.80
N GLN D 38 21.96 -25.11 -13.66
CA GLN D 38 22.64 -24.27 -14.65
C GLN D 38 22.39 -22.80 -14.34
N GLN D 39 23.42 -21.96 -14.43
CA GLN D 39 23.25 -20.54 -14.14
C GLN D 39 23.97 -19.63 -15.13
N PHE D 40 23.21 -18.72 -15.73
CA PHE D 40 23.77 -17.65 -16.55
C PHE D 40 24.04 -16.39 -15.71
N PRO D 41 25.01 -15.57 -16.13
CA PRO D 41 25.50 -14.47 -15.30
C PRO D 41 24.41 -13.46 -14.94
N GLY D 42 24.28 -13.14 -13.65
CA GLY D 42 23.34 -12.12 -13.23
C GLY D 42 21.89 -12.57 -13.14
N THR D 43 21.64 -13.84 -13.44
CA THR D 43 20.29 -14.40 -13.31
C THR D 43 20.31 -15.53 -12.29
N ALA D 44 19.14 -15.99 -11.88
CA ALA D 44 19.07 -17.06 -10.89
C ALA D 44 19.32 -18.43 -11.52
N PRO D 45 19.61 -19.44 -10.68
CA PRO D 45 19.88 -20.77 -11.23
C PRO D 45 18.62 -21.48 -11.69
N LYS D 46 18.76 -22.40 -12.63
CA LYS D 46 17.64 -23.24 -13.05
C LYS D 46 17.99 -24.68 -12.72
N LEU D 47 16.98 -25.54 -12.61
CA LEU D 47 17.23 -26.96 -12.41
C LEU D 47 17.52 -27.64 -13.74
N LEU D 48 18.62 -28.37 -13.80
CA LEU D 48 18.96 -29.08 -15.03
C LEU D 48 18.70 -30.57 -14.88
N ILE D 49 19.06 -31.14 -13.73
CA ILE D 49 18.86 -32.57 -13.50
C ILE D 49 18.43 -32.79 -12.04
N TYR D 50 17.54 -33.76 -11.82
CA TYR D 50 17.19 -34.13 -10.45
C TYR D 50 17.09 -35.64 -10.31
N SER D 51 17.03 -36.11 -9.07
CA SER D 51 17.08 -37.53 -8.75
C SER D 51 18.14 -38.30 -9.55
N ASN D 52 19.35 -37.75 -9.65
CA ASN D 52 20.49 -38.39 -10.29
C ASN D 52 20.44 -38.29 -11.82
N ASP D 53 19.32 -38.72 -12.41
CA ASP D 53 19.24 -38.89 -13.86
C ASP D 53 17.94 -38.42 -14.51
N GLN D 54 17.29 -37.42 -13.94
CA GLN D 54 15.96 -37.04 -14.41
C GLN D 54 15.99 -35.58 -14.85
N ARG D 55 15.57 -35.31 -16.09
CA ARG D 55 15.43 -33.94 -16.57
C ARG D 55 14.01 -33.39 -16.48
N PRO D 56 13.89 -32.09 -16.22
CA PRO D 56 12.63 -31.35 -16.39
C PRO D 56 12.20 -31.39 -17.86
N SER D 57 10.91 -31.19 -18.10
CA SER D 57 10.38 -31.24 -19.46
C SER D 57 10.99 -30.17 -20.35
N VAL D 58 11.34 -29.03 -19.76
CA VAL D 58 11.90 -27.91 -20.50
C VAL D 58 13.39 -28.09 -20.86
N VAL D 59 14.01 -29.11 -20.28
CA VAL D 59 15.43 -29.37 -20.52
C VAL D 59 15.65 -30.30 -21.71
N PRO D 60 16.55 -29.91 -22.64
CA PRO D 60 16.90 -30.71 -23.82
C PRO D 60 17.52 -32.06 -23.46
N ASP D 61 17.20 -33.08 -24.26
CA ASP D 61 17.65 -34.44 -23.98
C ASP D 61 19.15 -34.64 -24.20
N ARG D 62 19.79 -33.64 -24.78
CA ARG D 62 21.25 -33.62 -24.96
C ARG D 62 21.97 -33.59 -23.61
N PHE D 63 21.20 -33.30 -22.55
CA PHE D 63 21.69 -33.30 -21.18
C PHE D 63 21.40 -34.63 -20.51
N SER D 64 22.42 -35.23 -19.91
CA SER D 64 22.24 -36.48 -19.17
C SER D 64 23.14 -36.51 -17.94
N GLY D 65 22.71 -37.24 -16.93
CA GLY D 65 23.47 -37.40 -15.70
C GLY D 65 23.64 -38.83 -15.25
N SER D 66 24.68 -39.07 -14.45
CA SER D 66 24.90 -40.38 -13.86
C SER D 66 25.57 -40.28 -12.49
N LYS D 67 25.52 -41.37 -11.74
CA LYS D 67 26.05 -41.43 -10.38
C LYS D 67 26.75 -42.77 -10.15
N SER D 68 27.99 -42.72 -9.67
CA SER D 68 28.68 -43.94 -9.25
C SER D 68 29.52 -43.75 -7.99
N GLY D 69 29.25 -44.60 -6.99
CA GLY D 69 29.95 -44.53 -5.72
C GLY D 69 29.54 -43.27 -5.01
N THR D 70 30.52 -42.46 -4.61
CA THR D 70 30.23 -41.24 -3.89
C THR D 70 30.58 -40.10 -4.85
N SER D 71 30.42 -40.40 -6.13
CA SER D 71 30.74 -39.49 -7.21
C SER D 71 29.53 -39.35 -8.14
N ALA D 72 29.47 -38.24 -8.88
CA ALA D 72 28.41 -38.07 -9.87
C ALA D 72 28.95 -37.31 -11.08
N SER D 73 28.27 -37.45 -12.21
CA SER D 73 28.74 -36.83 -13.45
C SER D 73 27.61 -36.30 -14.32
N LEU D 74 27.82 -35.12 -14.88
CA LEU D 74 26.89 -34.56 -15.86
C LEU D 74 27.55 -34.61 -17.24
N ALA D 75 26.84 -35.15 -18.23
CA ALA D 75 27.34 -35.14 -19.60
C ALA D 75 26.47 -34.29 -20.54
N ILE D 76 27.13 -33.48 -21.35
CA ILE D 76 26.43 -32.68 -22.35
C ILE D 76 26.84 -33.09 -23.77
N SER D 77 25.94 -33.78 -24.47
CA SER D 77 26.20 -34.19 -25.84
C SER D 77 25.92 -33.04 -26.80
N GLY D 78 26.62 -33.03 -27.94
CA GLY D 78 26.33 -32.08 -29.00
C GLY D 78 26.32 -30.62 -28.58
N LEU D 79 27.42 -30.17 -27.99
CA LEU D 79 27.54 -28.82 -27.44
C LEU D 79 27.07 -27.71 -28.38
N GLN D 80 26.35 -26.74 -27.81
CA GLN D 80 25.92 -25.57 -28.54
C GLN D 80 26.52 -24.33 -27.88
N SER D 81 26.47 -23.20 -28.58
CA SER D 81 27.08 -21.96 -28.07
C SER D 81 26.36 -21.41 -26.85
N GLU D 82 25.07 -21.71 -26.75
CA GLU D 82 24.24 -21.19 -25.66
C GLU D 82 24.40 -21.98 -24.36
N ASP D 83 25.20 -23.04 -24.39
CA ASP D 83 25.42 -23.85 -23.21
C ASP D 83 26.55 -23.30 -22.33
N GLU D 84 27.19 -22.24 -22.80
CA GLU D 84 28.23 -21.60 -22.00
C GLU D 84 27.63 -20.95 -20.75
N ALA D 85 28.06 -21.43 -19.58
CA ALA D 85 27.44 -21.08 -18.31
C ALA D 85 28.20 -21.68 -17.13
N GLU D 86 27.81 -21.32 -15.91
CA GLU D 86 28.32 -21.98 -14.71
C GLU D 86 27.42 -23.15 -14.32
N TYR D 87 28.02 -24.25 -13.86
CA TYR D 87 27.26 -25.42 -13.43
C TYR D 87 27.52 -25.82 -11.97
N TYR D 88 26.46 -26.09 -11.20
CA TYR D 88 26.64 -26.52 -9.83
C TYR D 88 25.99 -27.89 -9.59
N CYS D 89 26.71 -28.79 -8.91
CA CYS D 89 26.11 -30.00 -8.37
C CYS D 89 25.66 -29.82 -6.92
N ALA D 90 24.77 -30.70 -6.46
CA ALA D 90 24.21 -30.56 -5.11
C ALA D 90 23.66 -31.88 -4.58
N ALA D 91 23.65 -32.02 -3.26
CA ALA D 91 23.06 -33.18 -2.59
C ALA D 91 22.80 -32.87 -1.13
N TRP D 92 21.90 -33.61 -0.50
CA TRP D 92 21.77 -33.58 0.95
C TRP D 92 22.95 -34.29 1.61
N ASP D 93 23.38 -33.80 2.78
CA ASP D 93 24.44 -34.45 3.54
C ASP D 93 23.89 -34.93 4.88
N ASP D 94 23.93 -36.23 5.15
CA ASP D 94 23.34 -36.72 6.40
C ASP D 94 24.20 -36.48 7.63
N SER D 95 25.45 -36.04 7.47
CA SER D 95 26.26 -35.72 8.65
C SER D 95 26.13 -34.26 9.08
N LEU D 96 26.15 -33.36 8.09
CA LEU D 96 25.96 -31.93 8.34
C LEU D 96 24.49 -31.60 8.56
N LYS D 97 23.63 -32.55 8.24
CA LYS D 97 22.18 -32.37 8.20
C LYS D 97 21.80 -31.11 7.41
N GLY D 98 22.32 -30.99 6.19
CA GLY D 98 22.03 -29.85 5.35
C GLY D 98 22.39 -30.05 3.89
N ALA D 99 21.92 -29.14 3.03
CA ALA D 99 22.20 -29.24 1.61
C ALA D 99 23.60 -28.71 1.32
N VAL D 100 24.33 -29.36 0.42
CA VAL D 100 25.65 -28.85 0.03
C VAL D 100 25.78 -28.65 -1.48
N PHE D 101 26.73 -27.81 -1.88
CA PHE D 101 26.94 -27.49 -3.29
C PHE D 101 28.42 -27.64 -3.65
N GLY D 102 28.70 -27.96 -4.91
CA GLY D 102 30.04 -27.83 -5.41
C GLY D 102 30.45 -26.38 -5.62
N GLY D 103 31.73 -26.15 -5.90
CA GLY D 103 32.23 -24.80 -6.06
C GLY D 103 31.83 -24.16 -7.38
N GLY D 104 31.27 -24.99 -8.27
CA GLY D 104 30.80 -24.51 -9.57
C GLY D 104 31.82 -24.82 -10.65
N THR D 105 31.34 -25.16 -11.85
CA THR D 105 32.24 -25.29 -12.99
C THR D 105 31.83 -24.37 -14.14
N GLN D 106 32.78 -23.56 -14.62
CA GLN D 106 32.51 -22.72 -15.77
C GLN D 106 32.79 -23.46 -17.07
N LEU D 107 31.77 -23.57 -17.92
CA LEU D 107 31.92 -24.23 -19.21
C LEU D 107 32.07 -23.17 -20.29
N THR D 108 33.12 -23.26 -21.10
CA THR D 108 33.32 -22.28 -22.17
C THR D 108 33.18 -22.91 -23.54
N VAL D 109 32.39 -22.27 -24.40
CA VAL D 109 32.17 -22.75 -25.75
C VAL D 109 33.04 -22.00 -26.76
N LEU D 110 34.18 -22.59 -27.09
CA LEU D 110 35.08 -22.16 -28.17
C LEU D 110 34.36 -21.88 -29.48
N GLY D 111 34.99 -21.12 -30.38
CA GLY D 111 34.42 -21.01 -31.70
C GLY D 111 33.87 -19.65 -32.11
N GLN D 112 33.89 -18.68 -31.20
CA GLN D 112 33.35 -17.37 -31.53
C GLN D 112 34.24 -16.43 -32.37
N PRO D 113 33.61 -15.76 -33.36
CA PRO D 113 34.06 -14.86 -34.43
C PRO D 113 34.64 -13.55 -33.92
N LYS D 114 35.76 -13.08 -34.47
CA LYS D 114 36.20 -11.74 -34.10
C LYS D 114 35.09 -10.75 -34.47
N ALA D 115 34.93 -9.72 -33.65
CA ALA D 115 33.96 -8.65 -33.89
C ALA D 115 34.49 -7.26 -33.56
N ALA D 116 34.47 -6.31 -34.50
CA ALA D 116 35.04 -5.02 -34.15
C ALA D 116 34.00 -4.28 -33.27
N PRO D 117 34.48 -3.42 -32.36
CA PRO D 117 33.59 -2.67 -31.46
C PRO D 117 32.75 -1.58 -32.11
N SER D 118 31.43 -1.61 -31.91
CA SER D 118 30.59 -0.44 -32.12
C SER D 118 30.85 0.59 -31.02
N VAL D 119 31.14 1.83 -31.37
CA VAL D 119 31.29 2.87 -30.34
C VAL D 119 30.23 3.96 -30.47
N THR D 120 29.72 4.44 -29.32
CA THR D 120 28.89 5.62 -29.28
C THR D 120 29.42 6.59 -28.22
N LEU D 121 29.57 7.86 -28.56
CA LEU D 121 30.06 8.84 -27.58
C LEU D 121 29.11 10.01 -27.38
N PHE D 122 28.59 10.14 -26.17
CA PHE D 122 27.69 11.24 -25.82
C PHE D 122 28.42 12.36 -25.08
N PRO D 123 28.15 13.61 -25.47
CA PRO D 123 28.70 14.76 -24.76
C PRO D 123 27.89 15.08 -23.49
N PRO D 124 28.44 15.91 -22.59
CA PRO D 124 27.69 16.34 -21.40
C PRO D 124 26.35 16.96 -21.77
N SER D 125 25.30 16.60 -21.02
CA SER D 125 23.98 17.18 -21.25
C SER D 125 23.92 18.57 -20.65
N SER D 126 22.99 19.39 -21.14
CA SER D 126 22.87 20.77 -20.69
C SER D 126 22.47 20.78 -19.22
N GLU D 127 21.51 19.92 -18.88
CA GLU D 127 21.06 19.75 -17.50
C GLU D 127 22.24 19.59 -16.54
N GLU D 128 23.21 18.76 -16.93
CA GLU D 128 24.31 18.41 -16.04
C GLU D 128 25.27 19.57 -15.87
N LEU D 129 25.48 20.32 -16.94
CA LEU D 129 26.29 21.54 -16.90
C LEU D 129 25.72 22.54 -15.90
N GLN D 130 24.39 22.67 -15.91
CA GLN D 130 23.69 23.53 -14.96
C GLN D 130 23.94 23.08 -13.52
N ALA D 131 24.15 21.78 -13.33
CA ALA D 131 24.48 21.24 -12.01
C ALA D 131 25.99 21.25 -11.79
N ASN D 132 26.69 21.99 -12.64
CA ASN D 132 28.12 22.23 -12.51
C ASN D 132 28.96 20.96 -12.62
N LYS D 133 28.46 19.98 -13.35
CA LYS D 133 29.25 18.79 -13.68
C LYS D 133 29.24 18.54 -15.18
N ALA D 134 30.20 17.78 -15.67
CA ALA D 134 30.18 17.31 -17.06
C ALA D 134 30.70 15.88 -17.16
N THR D 135 29.91 15.01 -17.78
CA THR D 135 30.32 13.62 -17.98
C THR D 135 30.28 13.24 -19.46
N LEU D 136 31.42 12.78 -19.97
CA LEU D 136 31.48 12.19 -21.31
C LEU D 136 31.29 10.66 -21.25
N VAL D 137 30.29 10.18 -21.99
CA VAL D 137 29.87 8.79 -21.92
C VAL D 137 30.20 8.02 -23.20
N CYS D 138 31.14 7.08 -23.10
CA CYS D 138 31.56 6.30 -24.26
C CYS D 138 31.10 4.85 -24.10
N LEU D 139 30.15 4.45 -24.93
CA LEU D 139 29.56 3.11 -24.86
C LEU D 139 30.07 2.16 -25.94
N ILE D 140 30.74 1.09 -25.52
CA ILE D 140 31.38 0.16 -26.45
C ILE D 140 30.66 -1.18 -26.48
N SER D 141 30.29 -1.65 -27.67
CA SER D 141 29.48 -2.86 -27.77
C SER D 141 29.87 -3.77 -28.93
N ASP D 142 29.38 -5.01 -28.87
CA ASP D 142 29.53 -6.01 -29.94
C ASP D 142 30.96 -6.28 -30.38
N PHE D 143 31.90 -6.31 -29.45
CA PHE D 143 33.27 -6.74 -29.79
C PHE D 143 33.64 -8.14 -29.29
N TYR D 144 34.61 -8.73 -29.99
CA TYR D 144 35.16 -10.05 -29.63
C TYR D 144 36.54 -10.19 -30.27
N PRO D 145 37.53 -10.70 -29.52
CA PRO D 145 37.53 -11.10 -28.10
C PRO D 145 37.21 -9.97 -27.12
N GLY D 146 36.80 -10.34 -25.91
CA GLY D 146 36.33 -9.36 -24.94
C GLY D 146 37.43 -8.60 -24.20
N ALA D 147 38.46 -8.17 -24.92
CA ALA D 147 39.50 -7.34 -24.35
C ALA D 147 39.58 -6.02 -25.10
N VAL D 148 39.08 -4.95 -24.48
CA VAL D 148 39.32 -3.61 -24.98
C VAL D 148 39.98 -2.63 -24.00
N THR D 149 40.71 -1.69 -24.58
CA THR D 149 41.59 -0.74 -23.89
C THR D 149 41.07 0.61 -24.40
N VAL D 150 40.71 1.53 -23.51
CA VAL D 150 40.33 2.85 -24.02
C VAL D 150 41.15 4.07 -23.60
N ALA D 151 41.44 4.87 -24.63
CA ALA D 151 42.16 6.14 -24.57
C ALA D 151 41.22 7.35 -24.71
N TRP D 152 41.45 8.41 -23.94
CA TRP D 152 40.58 9.58 -24.02
C TRP D 152 41.52 10.68 -24.53
N LYS D 153 41.20 11.19 -25.72
CA LYS D 153 41.87 12.34 -26.33
C LYS D 153 41.36 13.77 -26.21
N ALA D 154 42.09 14.57 -25.44
CA ALA D 154 41.59 15.82 -24.91
C ALA D 154 42.20 16.88 -25.82
N ASP D 155 41.45 17.27 -26.86
CA ASP D 155 41.98 17.87 -28.09
C ASP D 155 42.78 16.82 -28.85
N SER D 156 44.08 16.74 -28.57
CA SER D 156 44.92 15.69 -29.17
C SER D 156 45.89 15.11 -28.14
N SER D 157 45.98 15.75 -26.98
CA SER D 157 46.74 15.20 -25.86
C SER D 157 45.87 14.23 -25.10
N PRO D 158 46.45 13.16 -24.53
CA PRO D 158 45.49 12.35 -23.75
C PRO D 158 45.37 12.83 -22.31
N VAL D 159 44.18 12.72 -21.74
CA VAL D 159 43.96 13.05 -20.33
C VAL D 159 44.51 12.02 -19.33
N LYS D 160 45.34 12.47 -18.40
CA LYS D 160 45.83 11.64 -17.30
C LYS D 160 44.82 11.32 -16.17
N ALA D 161 43.78 12.14 -16.00
CA ALA D 161 42.77 11.84 -14.97
C ALA D 161 41.30 11.68 -15.39
N GLY D 162 40.46 11.43 -14.39
CA GLY D 162 39.02 11.34 -14.51
C GLY D 162 38.47 10.29 -15.46
N VAL D 163 39.31 9.34 -15.85
CA VAL D 163 38.87 8.21 -16.67
C VAL D 163 38.51 6.98 -15.84
N GLU D 164 37.26 6.53 -15.95
CA GLU D 164 36.84 5.30 -15.29
C GLU D 164 36.15 4.38 -16.29
N THR D 165 36.67 3.18 -16.44
CA THR D 165 36.18 2.22 -17.42
C THR D 165 35.82 0.88 -16.79
N THR D 166 34.67 0.34 -17.18
CA THR D 166 34.19 -0.93 -16.61
C THR D 166 34.97 -2.11 -17.14
N THR D 167 34.82 -3.26 -16.49
CA THR D 167 35.26 -4.53 -17.05
C THR D 167 34.37 -4.94 -18.21
N PRO D 168 34.89 -5.77 -19.12
CA PRO D 168 34.06 -6.28 -20.21
C PRO D 168 33.05 -7.33 -19.73
N SER D 169 31.77 -7.07 -20.00
CA SER D 169 30.71 -8.05 -19.73
C SER D 169 30.28 -8.65 -21.07
N LYS D 170 29.99 -9.94 -21.09
CA LYS D 170 29.54 -10.52 -22.35
C LYS D 170 28.05 -10.27 -22.59
N GLN D 171 27.71 -10.03 -23.85
CA GLN D 171 26.35 -9.69 -24.25
C GLN D 171 25.46 -10.92 -24.33
N SER D 172 24.27 -10.74 -24.91
CA SER D 172 23.33 -11.83 -25.09
C SER D 172 23.72 -12.57 -26.37
N ASN D 173 24.38 -11.84 -27.27
CA ASN D 173 24.83 -12.38 -28.55
C ASN D 173 26.25 -12.94 -28.49
N ASN D 174 26.69 -13.25 -27.27
CA ASN D 174 28.02 -13.83 -27.03
C ASN D 174 29.21 -12.95 -27.43
N LYS D 175 28.95 -11.71 -27.82
CA LYS D 175 30.02 -10.75 -27.97
C LYS D 175 30.10 -9.93 -26.68
N TYR D 176 31.06 -9.01 -26.57
CA TYR D 176 31.24 -8.29 -25.32
C TYR D 176 30.92 -6.81 -25.42
N ALA D 177 30.68 -6.21 -24.26
CA ALA D 177 30.42 -4.79 -24.15
C ALA D 177 31.22 -4.14 -23.01
N ALA D 178 31.56 -2.86 -23.16
CA ALA D 178 32.14 -2.11 -22.05
C ALA D 178 31.63 -0.68 -22.07
N SER D 179 32.06 0.11 -21.10
CA SER D 179 31.79 1.55 -21.11
C SER D 179 32.81 2.32 -20.31
N SER D 180 33.11 3.54 -20.77
CA SER D 180 34.09 4.38 -20.09
C SER D 180 33.56 5.79 -19.89
N TYR D 181 33.89 6.37 -18.74
CA TYR D 181 33.32 7.65 -18.34
C TYR D 181 34.42 8.68 -18.12
N LEU D 182 34.25 9.85 -18.72
CA LEU D 182 35.17 10.96 -18.49
C LEU D 182 34.47 12.06 -17.69
N SER D 183 35.06 12.41 -16.56
CA SER D 183 34.45 13.40 -15.68
C SER D 183 35.29 14.67 -15.70
N LEU D 184 34.65 15.78 -16.07
CA LEU D 184 35.33 17.05 -16.22
C LEU D 184 34.52 18.20 -15.63
N THR D 185 35.23 19.24 -15.18
CA THR D 185 34.58 20.49 -14.83
C THR D 185 34.07 21.14 -16.11
N PRO D 186 32.90 21.79 -16.04
CA PRO D 186 32.32 22.51 -17.18
C PRO D 186 33.30 23.48 -17.84
N GLU D 187 34.24 24.02 -17.07
CA GLU D 187 35.26 24.89 -17.64
C GLU D 187 36.21 24.10 -18.56
N GLN D 188 36.57 22.90 -18.14
CA GLN D 188 37.40 22.02 -18.96
C GLN D 188 36.67 21.55 -20.21
N TRP D 189 35.36 21.38 -20.10
CA TRP D 189 34.52 21.05 -21.24
C TRP D 189 34.45 22.21 -22.24
N HIS D 192 38.42 23.27 -24.13
CA HIS D 192 38.92 22.59 -25.31
C HIS D 192 37.87 22.55 -26.41
N ARG D 193 38.29 22.30 -27.64
CA ARG D 193 37.39 22.33 -28.79
C ARG D 193 36.94 20.94 -29.19
N SER D 194 37.69 19.93 -28.75
CA SER D 194 37.39 18.55 -29.13
C SER D 194 37.78 17.54 -28.06
N TYR D 195 36.87 16.61 -27.78
CA TYR D 195 37.17 15.46 -26.93
C TYR D 195 36.91 14.17 -27.72
N SER D 196 37.78 13.18 -27.53
CA SER D 196 37.67 11.93 -28.30
C SER D 196 37.89 10.67 -27.45
N CYS D 197 37.00 9.70 -27.66
CA CYS D 197 37.12 8.38 -27.04
C CYS D 197 37.78 7.41 -28.03
N GLN D 198 38.92 6.86 -27.63
CA GLN D 198 39.65 5.91 -28.47
C GLN D 198 39.59 4.48 -27.95
N VAL D 199 38.93 3.61 -28.70
CA VAL D 199 38.82 2.21 -28.30
C VAL D 199 39.65 1.33 -29.24
N THR D 200 40.75 0.81 -28.71
CA THR D 200 41.61 -0.10 -29.47
C THR D 200 41.25 -1.55 -29.18
N HIS D 201 41.00 -2.31 -30.23
CA HIS D 201 40.56 -3.70 -30.09
C HIS D 201 41.34 -4.60 -31.04
N GLU D 202 42.26 -5.36 -30.49
CA GLU D 202 43.12 -6.26 -31.26
C GLU D 202 43.92 -5.50 -32.32
N GLY D 203 44.64 -4.48 -31.87
CA GLY D 203 45.46 -3.66 -32.75
C GLY D 203 44.70 -2.51 -33.36
N SER D 204 43.54 -2.81 -33.96
CA SER D 204 42.73 -1.80 -34.64
C SER D 204 42.06 -0.85 -33.64
N THR D 205 41.99 0.42 -34.01
CA THR D 205 41.43 1.44 -33.14
C THR D 205 40.17 2.07 -33.74
N VAL D 206 39.08 2.01 -32.99
CA VAL D 206 37.85 2.71 -33.35
C VAL D 206 37.81 4.06 -32.64
N GLU D 207 37.33 5.09 -33.33
CA GLU D 207 37.32 6.45 -32.80
C GLU D 207 35.94 7.11 -32.92
N LYS D 208 35.59 7.90 -31.91
CA LYS D 208 34.50 8.87 -32.02
C LYS D 208 34.86 10.17 -31.30
N THR D 209 34.14 11.24 -31.63
CA THR D 209 34.50 12.57 -31.15
C THR D 209 33.25 13.43 -30.94
N VAL D 210 33.28 14.30 -29.93
CA VAL D 210 32.24 15.31 -29.74
C VAL D 210 32.85 16.69 -29.51
N ALA D 211 32.14 17.73 -29.94
CA ALA D 211 32.60 19.10 -29.76
C ALA D 211 31.60 19.94 -28.97
N PRO D 212 32.10 20.73 -28.01
CA PRO D 212 31.25 21.64 -27.21
C PRO D 212 30.73 22.80 -28.05
N VAL E 2 4.29 -21.75 -11.24
CA VAL E 2 4.15 -20.66 -10.28
C VAL E 2 5.37 -19.74 -10.32
N GLN E 3 5.12 -18.46 -10.08
CA GLN E 3 6.10 -17.38 -9.96
C GLN E 3 6.37 -16.88 -8.54
N LEU E 4 7.64 -16.82 -8.11
CA LEU E 4 7.89 -16.42 -6.72
C LEU E 4 8.73 -15.15 -6.72
N VAL E 5 8.12 -14.11 -6.17
CA VAL E 5 8.68 -12.76 -6.09
C VAL E 5 9.39 -12.47 -4.78
N GLN E 6 10.71 -12.35 -4.79
CA GLN E 6 11.43 -11.97 -3.58
C GLN E 6 11.28 -10.48 -3.33
N SER E 7 11.62 -10.04 -2.12
CA SER E 7 11.43 -8.65 -1.71
C SER E 7 12.47 -7.72 -2.34
N GLY E 8 12.31 -6.42 -2.10
CA GLY E 8 13.18 -5.42 -2.68
C GLY E 8 14.62 -5.47 -2.19
N ALA E 9 15.45 -4.59 -2.75
CA ALA E 9 16.86 -4.49 -2.36
C ALA E 9 17.01 -3.79 -1.02
N GLU E 10 17.99 -4.22 -0.22
CA GLU E 10 18.13 -3.75 1.15
C GLU E 10 19.52 -3.18 1.45
N VAL E 11 19.56 -2.10 2.22
CA VAL E 11 20.83 -1.54 2.69
C VAL E 11 20.91 -1.44 4.21
N LYS E 12 21.89 -2.13 4.79
CA LYS E 12 21.93 -2.33 6.22
C LYS E 12 23.27 -1.96 6.86
N LYS E 13 23.21 -1.48 8.09
CA LYS E 13 24.38 -1.20 8.93
C LYS E 13 24.88 -2.49 9.59
N PRO E 14 26.20 -2.71 9.58
CA PRO E 14 26.78 -3.92 10.19
C PRO E 14 26.30 -4.13 11.62
N GLY E 15 25.79 -5.32 11.93
CA GLY E 15 25.30 -5.62 13.27
C GLY E 15 23.78 -5.59 13.41
N SER E 16 23.13 -4.81 12.54
CA SER E 16 21.67 -4.75 12.49
C SER E 16 21.12 -6.08 11.99
N SER E 17 19.82 -6.22 11.76
CA SER E 17 19.56 -7.22 10.76
C SER E 17 18.70 -6.80 9.59
N VAL E 18 18.50 -7.79 8.72
CA VAL E 18 17.66 -7.76 7.52
C VAL E 18 16.53 -8.79 7.50
N LYS E 19 15.50 -8.59 6.69
CA LYS E 19 14.49 -9.61 6.60
C LYS E 19 14.25 -9.67 5.09
N VAL E 20 14.13 -10.89 4.56
CA VAL E 20 13.81 -11.11 3.16
C VAL E 20 12.59 -12.00 2.96
N SER E 21 11.54 -11.48 2.32
CA SER E 21 10.32 -12.25 2.22
C SER E 21 10.08 -12.80 0.82
N CYS E 22 9.54 -14.01 0.70
CA CYS E 22 9.29 -14.50 -0.64
C CYS E 22 7.77 -14.53 -0.70
N LYS E 23 7.20 -14.48 -1.90
CA LYS E 23 5.74 -14.46 -2.06
C LYS E 23 5.24 -15.31 -3.23
N SER E 24 4.62 -16.48 -3.10
CA SER E 24 4.35 -16.97 -4.44
C SER E 24 2.95 -16.70 -4.93
N SER E 25 2.98 -16.12 -6.13
CA SER E 25 1.92 -15.73 -7.05
C SER E 25 1.36 -16.73 -8.07
N GLY E 26 0.06 -16.99 -8.02
CA GLY E 26 -0.53 -17.92 -8.97
C GLY E 26 -0.65 -19.34 -8.49
N GLY E 27 -0.73 -19.48 -7.19
CA GLY E 27 -0.80 -20.78 -6.57
C GLY E 27 0.04 -20.74 -5.31
N THR E 28 -0.32 -21.61 -4.38
CA THR E 28 0.39 -21.71 -3.12
C THR E 28 1.64 -22.55 -3.30
N SER E 29 2.61 -22.36 -2.40
CA SER E 29 3.77 -23.23 -2.35
C SER E 29 3.86 -23.92 -0.99
N ASN E 30 2.76 -23.88 -0.26
CA ASN E 30 2.73 -24.33 1.13
C ASN E 30 2.90 -25.84 1.28
N ASN E 31 2.62 -26.57 0.21
CA ASN E 31 2.75 -28.03 0.23
C ASN E 31 4.13 -28.49 -0.22
N TYR E 32 5.04 -27.54 -0.39
CA TYR E 32 6.40 -27.83 -0.80
C TYR E 32 7.38 -27.26 0.23
N ALA E 33 8.59 -27.78 0.24
CA ALA E 33 9.71 -27.14 0.93
C ALA E 33 10.27 -25.95 0.15
N ILE E 34 10.57 -24.86 0.86
CA ILE E 34 11.35 -23.78 0.28
C ILE E 34 12.67 -23.59 1.04
N SER E 35 13.75 -23.51 0.29
CA SER E 35 15.08 -23.24 0.86
C SER E 35 15.53 -21.82 0.60
N TRP E 36 16.49 -21.35 1.39
CA TRP E 36 17.16 -20.09 1.08
C TRP E 36 18.64 -20.34 0.76
N VAL E 37 19.08 -19.76 -0.35
CA VAL E 37 20.42 -20.03 -0.88
C VAL E 37 21.07 -18.72 -1.25
N ARG E 38 22.30 -18.47 -0.81
CA ARG E 38 22.93 -17.20 -1.15
C ARG E 38 24.14 -17.41 -2.07
N GLN E 39 24.57 -16.33 -2.70
CA GLN E 39 25.70 -16.39 -3.62
C GLN E 39 26.55 -15.14 -3.46
N ALA E 40 27.71 -15.26 -2.83
CA ALA E 40 28.58 -14.10 -2.68
C ALA E 40 29.21 -13.74 -4.03
N PRO E 41 29.67 -12.48 -4.17
CA PRO E 41 30.09 -12.04 -5.50
C PRO E 41 31.21 -12.92 -6.04
N GLY E 42 31.05 -13.46 -7.23
CA GLY E 42 32.11 -14.28 -7.82
C GLY E 42 32.20 -15.65 -7.17
N GLN E 43 31.31 -15.94 -6.23
CA GLN E 43 31.35 -17.20 -5.48
C GLN E 43 30.18 -18.11 -5.83
N GLY E 44 30.15 -19.28 -5.18
CA GLY E 44 29.19 -20.31 -5.52
C GLY E 44 27.92 -20.26 -4.69
N LEU E 45 26.98 -21.15 -5.00
CA LEU E 45 25.76 -21.29 -4.21
C LEU E 45 26.03 -21.89 -2.83
N ASP E 46 25.28 -21.44 -1.84
CA ASP E 46 25.50 -21.83 -0.45
C ASP E 46 24.15 -21.93 0.26
N TRP E 47 23.86 -23.11 0.80
CA TRP E 47 22.58 -23.32 1.48
C TRP E 47 22.57 -22.65 2.84
N MET E 48 21.50 -21.93 3.13
CA MET E 48 21.33 -21.27 4.43
C MET E 48 20.47 -22.09 5.37
N GLY E 49 19.49 -22.77 4.77
CA GLY E 49 18.49 -23.49 5.53
C GLY E 49 17.23 -23.54 4.69
N GLY E 50 16.15 -24.07 5.24
CA GLY E 50 14.90 -24.13 4.52
C GLY E 50 13.70 -24.29 5.43
N ILE E 51 12.51 -24.29 4.83
CA ILE E 51 11.28 -24.47 5.58
C ILE E 51 10.23 -25.22 4.78
N SER E 52 9.42 -26.01 5.48
CA SER E 52 8.33 -26.77 4.89
C SER E 52 7.13 -26.59 5.81
N PRO E 53 6.27 -25.62 5.49
CA PRO E 53 5.37 -25.01 6.47
C PRO E 53 4.16 -25.87 6.81
N ILE E 54 3.69 -26.70 5.90
CA ILE E 54 2.64 -27.62 6.27
C ILE E 54 3.20 -28.80 7.08
N PHE E 55 4.32 -29.37 6.61
CA PHE E 55 5.01 -30.42 7.35
C PHE E 55 5.33 -30.00 8.79
N GLY E 56 5.71 -28.73 8.95
CA GLY E 56 5.97 -28.15 10.25
C GLY E 56 7.46 -28.11 10.56
N SER E 57 8.28 -28.17 9.52
CA SER E 57 9.74 -28.27 9.67
C SER E 57 10.49 -26.97 9.33
N THR E 58 11.47 -26.63 10.15
CA THR E 58 12.49 -25.66 9.76
C THR E 58 13.88 -26.24 9.99
N ALA E 59 14.74 -26.14 8.98
CA ALA E 59 16.09 -26.67 9.06
C ALA E 59 17.13 -25.59 8.76
N TYR E 60 18.32 -25.73 9.32
CA TYR E 60 19.38 -24.73 9.14
C TYR E 60 20.74 -25.36 8.83
N ALA E 61 21.49 -24.71 7.96
CA ALA E 61 22.89 -25.03 7.74
C ALA E 61 23.68 -24.74 9.01
N GLN E 62 24.57 -25.65 9.39
CA GLN E 62 25.43 -25.46 10.56
C GLN E 62 26.19 -24.13 10.55
N LYS E 63 26.70 -23.74 9.39
CA LYS E 63 27.51 -22.53 9.30
C LYS E 63 26.68 -21.27 9.59
N PHE E 64 25.36 -21.39 9.55
CA PHE E 64 24.47 -20.28 9.88
C PHE E 64 23.62 -20.50 11.13
N GLN E 65 23.72 -21.67 11.75
CA GLN E 65 22.96 -21.96 12.96
C GLN E 65 23.13 -20.88 14.03
N GLY E 66 22.01 -20.41 14.57
CA GLY E 66 22.05 -19.41 15.62
C GLY E 66 21.97 -17.98 15.13
N ARG E 67 22.35 -17.76 13.89
CA ARG E 67 22.34 -16.42 13.32
C ARG E 67 21.22 -16.14 12.31
N VAL E 68 20.60 -17.18 11.76
CA VAL E 68 19.55 -16.96 10.78
C VAL E 68 18.21 -17.51 11.28
N THR E 69 17.14 -16.79 10.97
CA THR E 69 15.80 -17.26 11.28
C THR E 69 14.95 -17.32 10.02
N ILE E 70 14.44 -18.51 9.71
CA ILE E 70 13.59 -18.68 8.54
C ILE E 70 12.17 -18.97 8.98
N SER E 71 11.19 -18.38 8.29
CA SER E 71 9.81 -18.47 8.73
C SER E 71 8.85 -18.41 7.55
N ALA E 72 7.58 -18.64 7.82
CA ALA E 72 6.57 -18.60 6.79
C ALA E 72 5.21 -18.20 7.35
N ASP E 73 4.38 -17.59 6.51
CA ASP E 73 3.02 -17.27 6.90
C ASP E 73 2.18 -18.06 5.91
N ILE E 74 1.59 -19.16 6.37
CA ILE E 74 0.87 -20.04 5.46
C ILE E 74 -0.40 -19.40 4.91
N PHE E 75 -0.92 -18.41 5.63
CA PHE E 75 -2.20 -17.83 5.25
C PHE E 75 -2.03 -16.83 4.11
N SER E 76 -0.83 -16.26 4.00
CA SER E 76 -0.51 -15.36 2.90
C SER E 76 0.41 -16.00 1.87
N ASN E 77 0.67 -17.29 2.02
CA ASN E 77 1.54 -18.03 1.12
C ASN E 77 2.90 -17.34 1.01
N THR E 78 3.43 -16.91 2.15
CA THR E 78 4.68 -16.17 2.15
C THR E 78 5.73 -16.77 3.09
N ALA E 79 6.97 -16.78 2.64
CA ALA E 79 8.11 -17.19 3.46
C ALA E 79 9.04 -16.03 3.78
N TYR E 80 9.80 -16.14 4.87
CA TYR E 80 10.65 -15.04 5.29
C TYR E 80 12.01 -15.57 5.73
N MET E 81 13.03 -14.73 5.61
CA MET E 81 14.35 -15.07 6.14
C MET E 81 14.88 -13.87 6.92
N GLU E 82 15.24 -14.06 8.18
CA GLU E 82 15.83 -12.98 8.94
C GLU E 82 17.26 -13.30 9.36
N LEU E 83 18.22 -12.46 8.99
CA LEU E 83 19.61 -12.74 9.33
C LEU E 83 20.15 -11.67 10.28
N ASN E 84 20.71 -12.10 11.40
CA ASN E 84 21.14 -11.16 12.45
C ASN E 84 22.65 -10.96 12.45
N SER E 85 23.13 -9.98 13.20
CA SER E 85 24.56 -9.72 13.36
C SER E 85 25.28 -9.59 12.02
N LEU E 86 24.84 -8.64 11.21
CA LEU E 86 25.33 -8.51 9.84
C LEU E 86 26.75 -8.00 9.72
N THR E 87 27.44 -8.46 8.68
CA THR E 87 28.85 -8.22 8.45
C THR E 87 29.05 -8.16 6.94
N SER E 88 29.85 -7.22 6.47
CA SER E 88 30.35 -7.19 5.07
C SER E 88 30.48 -8.55 4.39
N GLU E 89 30.76 -9.59 5.18
CA GLU E 89 30.81 -10.96 4.67
C GLU E 89 29.44 -11.45 4.20
N ASP E 90 28.38 -10.78 4.63
CA ASP E 90 27.02 -11.19 4.31
C ASP E 90 26.49 -10.47 3.07
N THR E 91 27.27 -9.54 2.53
CA THR E 91 26.90 -8.85 1.30
C THR E 91 26.86 -9.84 0.14
N ALA E 92 25.64 -10.20 -0.28
CA ALA E 92 25.47 -11.04 -1.46
C ALA E 92 24.01 -11.14 -1.90
N VAL E 93 23.78 -12.00 -2.89
CA VAL E 93 22.51 -12.05 -3.59
C VAL E 93 21.78 -13.14 -2.83
N TYR E 94 20.59 -12.86 -2.29
CA TYR E 94 19.82 -14.00 -1.79
C TYR E 94 18.69 -14.53 -2.67
N PHE E 95 18.73 -15.86 -2.73
CA PHE E 95 17.89 -16.77 -3.50
C PHE E 95 16.95 -17.64 -2.68
N CYS E 96 15.67 -17.68 -3.04
CA CYS E 96 14.75 -18.52 -2.27
C CYS E 96 14.43 -19.50 -3.39
N ALA E 97 14.24 -20.77 -3.04
CA ALA E 97 13.59 -21.69 -3.95
C ALA E 97 12.76 -22.83 -3.40
N ARG E 98 11.73 -23.16 -4.17
CA ARG E 98 10.75 -24.21 -3.89
C ARG E 98 11.30 -25.56 -4.33
N HIS E 99 11.02 -26.60 -3.56
CA HIS E 99 11.51 -27.94 -3.89
C HIS E 99 10.39 -28.70 -4.57
N GLY E 100 10.69 -29.89 -5.08
CA GLY E 100 9.68 -30.73 -5.69
C GLY E 100 8.73 -31.44 -4.73
N ASN E 101 9.07 -31.44 -3.45
CA ASN E 101 8.25 -32.15 -2.47
C ASN E 101 8.23 -31.43 -1.13
N TYR E 102 7.79 -32.14 -0.09
CA TYR E 102 7.72 -31.56 1.25
C TYR E 102 9.07 -31.43 1.96
N TYR E 103 10.11 -32.01 1.39
CA TYR E 103 11.41 -32.02 2.08
C TYR E 103 12.55 -31.53 1.20
N TYR E 104 13.76 -31.52 1.75
CA TYR E 104 14.84 -30.70 1.22
C TYR E 104 15.71 -31.54 0.29
N TYR E 105 15.32 -32.80 0.09
CA TYR E 105 16.09 -33.72 -0.73
C TYR E 105 15.92 -33.45 -2.23
N SER E 106 14.67 -33.32 -2.66
CA SER E 106 14.35 -33.02 -4.05
C SER E 106 15.04 -31.77 -4.58
N GLY E 107 15.26 -31.75 -5.90
CA GLY E 107 15.91 -30.64 -6.56
C GLY E 107 14.99 -29.43 -6.73
N MET E 108 15.43 -28.31 -6.15
CA MET E 108 14.68 -27.06 -6.24
C MET E 108 14.53 -26.60 -7.69
N ASP E 109 13.31 -26.67 -8.22
CA ASP E 109 13.09 -26.45 -9.65
C ASP E 109 12.71 -25.00 -10.00
N VAL E 110 12.26 -24.25 -9.01
CA VAL E 110 11.80 -22.87 -9.26
C VAL E 110 12.65 -21.98 -8.36
N TRP E 111 12.97 -20.76 -8.79
CA TRP E 111 13.59 -19.81 -7.88
C TRP E 111 13.13 -18.36 -8.07
N GLY E 112 13.62 -17.51 -7.16
CA GLY E 112 13.20 -16.12 -7.08
C GLY E 112 14.00 -15.36 -8.13
N GLN E 113 13.81 -14.05 -8.21
CA GLN E 113 14.52 -13.27 -9.23
C GLN E 113 15.87 -12.96 -8.58
N GLY E 114 15.85 -12.93 -7.26
CA GLY E 114 17.00 -12.72 -6.41
C GLY E 114 17.17 -11.37 -5.71
N THR E 115 17.26 -11.47 -4.40
CA THR E 115 17.42 -10.36 -3.46
C THR E 115 18.90 -9.99 -3.35
N THR E 116 19.26 -8.72 -3.46
CA THR E 116 20.64 -8.38 -3.18
C THR E 116 20.70 -7.40 -2.02
N VAL E 117 21.48 -7.78 -1.01
CA VAL E 117 21.63 -6.99 0.19
C VAL E 117 23.07 -6.53 0.42
N THR E 118 23.27 -5.22 0.53
CA THR E 118 24.60 -4.66 0.63
C THR E 118 24.85 -4.12 2.03
N VAL E 119 25.91 -4.59 2.69
CA VAL E 119 26.12 -4.19 4.07
C VAL E 119 27.17 -3.09 4.02
N SER E 120 27.08 -2.12 4.93
CA SER E 120 28.07 -1.04 5.07
C SER E 120 27.62 -0.06 6.13
N SER E 121 28.48 0.90 6.46
CA SER E 121 28.18 1.87 7.51
C SER E 121 28.16 3.30 7.00
N ALA E 122 27.16 3.62 6.17
CA ALA E 122 26.99 4.98 5.65
C ALA E 122 25.62 5.17 5.02
N SER E 123 25.19 6.43 4.92
CA SER E 123 23.95 6.75 4.23
C SER E 123 24.13 6.51 2.73
N THR E 124 23.04 6.24 2.03
CA THR E 124 23.09 5.93 0.62
C THR E 124 22.86 7.18 -0.24
N LYS E 125 22.61 6.99 -1.53
CA LYS E 125 22.30 8.12 -2.40
C LYS E 125 21.56 7.74 -3.69
N GLY E 126 20.46 8.45 -3.97
CA GLY E 126 19.74 8.31 -5.22
C GLY E 126 20.49 9.06 -6.31
N PRO E 127 20.80 8.38 -7.42
CA PRO E 127 21.48 9.04 -8.54
C PRO E 127 20.63 9.92 -9.46
N SER E 128 21.27 10.86 -10.15
CA SER E 128 20.51 11.80 -10.95
C SER E 128 20.18 10.95 -12.17
N VAL E 129 19.07 11.14 -12.89
CA VAL E 129 19.09 10.55 -14.23
C VAL E 129 19.46 11.51 -15.37
N PHE E 130 20.48 11.15 -16.14
CA PHE E 130 21.04 11.98 -17.20
C PHE E 130 20.70 11.38 -18.57
N PRO E 131 20.12 12.15 -19.51
CA PRO E 131 20.00 11.22 -20.63
C PRO E 131 20.76 11.60 -21.90
N LEU E 132 21.17 10.55 -22.62
CA LEU E 132 21.91 10.65 -23.87
C LEU E 132 20.96 10.86 -25.06
N ALA E 133 21.40 11.58 -26.10
CA ALA E 133 20.58 11.77 -27.30
C ALA E 133 21.17 11.14 -28.57
N PRO E 134 20.29 10.68 -29.49
CA PRO E 134 20.75 9.92 -30.66
C PRO E 134 21.27 10.84 -31.77
N GLY E 141 19.95 5.64 -42.32
CA GLY E 141 20.23 5.32 -40.93
C GLY E 141 20.11 3.84 -40.60
N GLY E 142 18.90 3.33 -40.63
CA GLY E 142 18.65 1.95 -40.30
C GLY E 142 18.24 2.00 -38.85
N THR E 143 19.21 2.01 -37.95
CA THR E 143 18.86 2.07 -36.55
C THR E 143 19.61 3.21 -35.86
N ALA E 144 19.08 3.62 -34.72
CA ALA E 144 19.68 4.66 -33.89
C ALA E 144 20.00 4.10 -32.51
N ALA E 145 20.64 4.89 -31.68
CA ALA E 145 20.90 4.46 -30.32
C ALA E 145 20.56 5.62 -29.42
N LEU E 146 20.18 5.35 -28.18
CA LEU E 146 19.79 6.40 -27.25
C LEU E 146 20.02 5.75 -25.88
N GLY E 147 20.54 6.59 -24.98
CA GLY E 147 20.82 6.30 -23.58
C GLY E 147 20.46 7.08 -22.34
N CYS E 148 20.11 6.38 -21.25
CA CYS E 148 19.83 6.98 -19.94
C CYS E 148 21.14 6.77 -19.08
N LEU E 149 21.66 7.88 -18.55
CA LEU E 149 22.93 7.94 -17.78
C LEU E 149 22.76 8.22 -16.29
N VAL E 150 22.93 7.18 -15.50
CA VAL E 150 22.51 7.14 -14.11
C VAL E 150 23.75 7.32 -13.24
N LYS E 151 23.91 8.51 -12.70
CA LYS E 151 25.18 8.97 -12.14
C LYS E 151 25.23 9.05 -10.62
N ASP E 152 26.34 8.57 -10.05
CA ASP E 152 26.65 8.77 -8.64
C ASP E 152 25.60 8.23 -7.68
N TYR E 153 25.48 6.90 -7.62
CA TYR E 153 24.61 6.28 -6.63
C TYR E 153 25.34 5.27 -5.77
N PHE E 154 24.76 5.00 -4.61
CA PHE E 154 25.25 3.95 -3.74
C PHE E 154 24.07 3.34 -3.00
N PRO E 155 24.03 2.00 -2.94
CA PRO E 155 24.97 1.12 -3.62
C PRO E 155 24.31 0.44 -4.81
N GLU E 156 24.76 -0.78 -5.09
CA GLU E 156 24.08 -1.64 -6.05
C GLU E 156 22.86 -2.26 -5.35
N PRO E 157 21.84 -2.65 -6.14
CA PRO E 157 21.76 -2.48 -7.59
C PRO E 157 20.83 -1.33 -8.00
N VAL E 158 20.71 -1.14 -9.30
CA VAL E 158 19.64 -0.32 -9.84
C VAL E 158 18.95 -1.14 -10.92
N THR E 159 17.68 -0.85 -11.20
CA THR E 159 16.99 -1.44 -12.34
C THR E 159 16.77 -0.39 -13.42
N VAL E 160 16.91 -0.76 -14.69
CA VAL E 160 16.43 0.14 -15.72
C VAL E 160 15.18 -0.46 -16.38
N SER E 161 14.22 0.43 -16.61
CA SER E 161 12.94 0.22 -17.28
C SER E 161 12.81 1.18 -18.45
N TRP E 162 12.48 0.69 -19.64
CA TRP E 162 12.16 1.64 -20.71
C TRP E 162 10.75 1.45 -21.24
N ASN E 163 10.01 2.55 -21.13
CA ASN E 163 8.64 2.71 -21.63
C ASN E 163 7.73 1.89 -20.74
N SER E 164 7.88 2.09 -19.42
CA SER E 164 7.14 1.35 -18.40
C SER E 164 7.19 -0.11 -18.77
N GLY E 165 8.42 -0.56 -19.03
CA GLY E 165 8.70 -1.92 -19.35
C GLY E 165 7.88 -2.34 -20.56
N ALA E 166 7.48 -1.48 -21.50
CA ALA E 166 6.89 -2.24 -22.53
C ALA E 166 7.95 -2.53 -23.56
N LEU E 167 8.88 -1.57 -23.68
CA LEU E 167 10.01 -1.70 -24.68
C LEU E 167 11.01 -2.77 -24.17
N THR E 168 11.55 -3.79 -24.88
CA THR E 168 12.59 -4.59 -24.15
C THR E 168 13.48 -5.16 -25.21
N SER E 169 13.23 -4.72 -26.44
CA SER E 169 14.00 -5.14 -27.61
C SER E 169 15.24 -4.25 -27.74
N GLY E 170 16.41 -4.84 -27.85
CA GLY E 170 17.62 -4.04 -28.00
C GLY E 170 18.01 -3.17 -26.82
N VAL E 171 17.52 -3.53 -25.64
CA VAL E 171 17.88 -2.85 -24.40
C VAL E 171 19.09 -3.47 -23.71
N HIS E 172 20.17 -2.71 -23.58
CA HIS E 172 21.43 -3.26 -23.08
C HIS E 172 21.96 -2.47 -21.87
N THR E 173 21.34 -2.68 -20.70
CA THR E 173 21.81 -2.12 -19.44
C THR E 173 23.24 -2.51 -19.04
N PHE E 174 24.20 -1.63 -19.30
CA PHE E 174 25.60 -1.84 -18.97
C PHE E 174 25.88 -2.02 -17.47
N PRO E 175 26.95 -2.78 -17.12
CA PRO E 175 27.43 -2.94 -15.75
C PRO E 175 27.85 -1.62 -15.12
N ALA E 176 27.92 -1.56 -13.79
CA ALA E 176 28.30 -0.31 -13.15
C ALA E 176 29.78 -0.28 -12.77
N VAL E 177 30.37 0.92 -12.93
CA VAL E 177 31.76 1.20 -12.64
C VAL E 177 31.94 1.95 -11.30
N LEU E 178 32.55 1.31 -10.32
CA LEU E 178 32.68 1.91 -9.01
C LEU E 178 33.78 2.98 -9.06
N GLN E 179 33.35 4.23 -8.91
CA GLN E 179 34.27 5.36 -8.83
C GLN E 179 35.12 5.32 -7.57
N SER E 180 36.20 6.09 -7.57
CA SER E 180 37.07 6.21 -6.41
C SER E 180 36.36 6.90 -5.26
N SER E 181 35.26 7.58 -5.59
CA SER E 181 34.47 8.30 -4.60
C SER E 181 33.67 7.35 -3.71
N GLY E 182 33.22 6.24 -4.29
CA GLY E 182 32.38 5.30 -3.56
C GLY E 182 31.09 4.99 -4.30
N LEU E 183 30.64 5.96 -5.09
CA LEU E 183 29.39 5.82 -5.83
C LEU E 183 29.68 5.30 -7.22
N TYR E 184 28.82 4.41 -7.74
CA TYR E 184 29.04 3.89 -9.09
C TYR E 184 28.17 4.61 -10.12
N SER E 185 28.56 4.54 -11.39
CA SER E 185 27.75 5.19 -12.41
C SER E 185 27.03 4.01 -13.03
N LEU E 186 25.90 4.26 -13.71
CA LEU E 186 25.31 3.25 -14.57
C LEU E 186 24.67 3.86 -15.81
N SER E 187 24.76 3.20 -16.96
CA SER E 187 23.98 3.72 -18.08
C SER E 187 23.32 2.58 -18.84
N SER E 188 22.42 2.95 -19.75
CA SER E 188 21.75 1.99 -20.60
C SER E 188 21.81 2.39 -22.07
N VAL E 189 21.93 1.42 -22.96
CA VAL E 189 21.83 1.69 -24.38
C VAL E 189 20.69 0.87 -24.97
N VAL E 190 19.79 1.54 -25.69
CA VAL E 190 18.67 0.87 -26.31
C VAL E 190 18.76 1.25 -27.77
N THR E 191 18.53 0.28 -28.65
CA THR E 191 18.49 0.56 -30.07
C THR E 191 17.13 0.23 -30.64
N VAL E 192 16.67 1.13 -31.51
CA VAL E 192 15.41 1.02 -32.22
C VAL E 192 15.61 1.61 -33.61
N PRO E 193 14.65 1.39 -34.54
CA PRO E 193 14.94 1.84 -35.90
C PRO E 193 15.14 3.36 -35.92
N SER E 194 15.77 3.88 -36.97
CA SER E 194 15.85 5.32 -37.18
C SER E 194 14.51 6.06 -37.33
N SER E 195 13.60 5.57 -38.18
CA SER E 195 12.38 6.34 -38.42
C SER E 195 11.44 6.35 -37.21
N SER E 196 11.64 5.41 -36.29
CA SER E 196 10.95 5.38 -34.99
C SER E 196 11.31 6.59 -34.12
N LEU E 197 11.93 7.60 -34.73
CA LEU E 197 12.32 8.83 -34.04
C LEU E 197 11.21 9.83 -33.72
N GLY E 198 10.48 10.27 -34.74
CA GLY E 198 9.50 11.33 -34.57
C GLY E 198 8.06 10.85 -34.46
N THR E 199 7.88 9.62 -33.99
CA THR E 199 6.55 9.09 -33.73
C THR E 199 6.46 8.41 -32.37
N GLN E 200 7.59 7.89 -31.91
CA GLN E 200 7.65 7.22 -30.62
C GLN E 200 8.64 7.86 -29.64
N THR E 201 8.10 8.34 -28.53
CA THR E 201 8.86 9.00 -27.48
C THR E 201 9.39 7.90 -26.60
N TYR E 202 10.69 7.86 -26.31
CA TYR E 202 11.09 6.88 -25.31
C TYR E 202 11.26 7.48 -23.92
N ILE E 203 10.80 6.67 -22.97
CA ILE E 203 10.81 6.92 -21.53
C ILE E 203 11.70 6.04 -20.66
N CYS E 204 12.62 6.63 -19.92
CA CYS E 204 13.61 5.85 -19.18
C CYS E 204 13.33 6.11 -17.71
N ASN E 205 13.01 5.03 -17.01
CA ASN E 205 12.73 5.03 -15.57
C ASN E 205 13.84 4.27 -14.87
N VAL E 206 14.49 4.89 -13.89
CA VAL E 206 15.47 4.16 -13.12
C VAL E 206 15.29 4.03 -11.60
N ASN E 207 14.58 2.97 -11.20
CA ASN E 207 14.27 2.71 -9.80
C ASN E 207 15.54 2.74 -8.95
N HIS E 208 15.42 3.06 -7.67
CA HIS E 208 16.53 2.81 -6.74
C HIS E 208 15.99 2.60 -5.33
N LYS E 209 15.71 1.34 -5.01
CA LYS E 209 15.10 0.96 -3.75
C LYS E 209 15.86 1.38 -2.47
N PRO E 210 17.20 1.24 -2.44
CA PRO E 210 17.91 1.62 -1.21
C PRO E 210 17.66 3.06 -0.77
N SER E 211 17.49 3.96 -1.72
CA SER E 211 17.19 5.36 -1.40
C SER E 211 15.74 5.69 -1.76
N ASN E 212 15.01 4.67 -2.20
CA ASN E 212 13.64 4.84 -2.70
C ASN E 212 13.59 5.91 -3.77
N THR E 213 14.39 5.72 -4.82
CA THR E 213 14.41 6.65 -5.95
C THR E 213 13.64 6.00 -7.10
N LYS E 214 13.17 6.82 -8.03
CA LYS E 214 12.16 6.40 -8.99
C LYS E 214 11.97 7.48 -10.05
N VAL E 215 13.04 7.97 -10.66
CA VAL E 215 12.81 8.97 -11.68
C VAL E 215 12.73 8.44 -13.11
N ASP E 216 11.69 8.96 -13.74
CA ASP E 216 11.31 8.89 -15.15
C ASP E 216 11.92 9.90 -16.10
N LYS E 217 12.73 9.45 -17.06
CA LYS E 217 13.36 10.41 -17.92
C LYS E 217 12.93 10.00 -19.32
N ARG E 218 12.58 11.02 -20.09
CA ARG E 218 12.37 11.01 -21.52
C ARG E 218 13.50 11.63 -22.30
N VAL E 219 13.79 11.13 -23.49
CA VAL E 219 14.88 11.75 -24.20
C VAL E 219 14.72 11.86 -25.71
N GLU E 220 14.78 13.13 -26.08
CA GLU E 220 14.60 13.71 -27.41
C GLU E 220 15.84 13.73 -28.30
N PRO E 221 15.68 13.35 -29.57
CA PRO E 221 16.77 13.27 -30.55
C PRO E 221 17.56 14.58 -30.65
C1 NAG F . -1.85 -3.66 8.34
C2 NAG F . -1.26 -2.87 9.50
C3 NAG F . -0.74 -1.51 9.01
C4 NAG F . 0.19 -1.69 7.82
C5 NAG F . -0.49 -2.54 6.75
C6 NAG F . 0.42 -2.87 5.58
C7 NAG F . -2.12 -3.21 11.77
C8 NAG F . -3.23 -2.91 12.73
N2 NAG F . -2.24 -2.68 10.55
O3 NAG F . -0.06 -0.86 10.07
O4 NAG F . 0.50 -0.42 7.26
O5 NAG F . -0.87 -3.80 7.31
O6 NAG F . -0.24 -3.68 4.62
O7 NAG F . -1.16 -3.90 12.10
C1 NAG F . 1.82 -0.02 7.67
C2 NAG F . 2.46 0.76 6.54
C3 NAG F . 3.71 1.51 7.03
C4 NAG F . 4.20 0.99 8.38
C5 NAG F . 3.08 0.94 9.43
C6 NAG F . 3.00 2.19 10.28
C7 NAG F . 2.18 0.00 4.23
C8 NAG F . 2.62 -0.98 3.17
N2 NAG F . 2.78 -0.11 5.41
O3 NAG F . 3.44 2.91 7.08
O4 NAG F . 4.83 -0.27 8.26
O5 NAG F . 1.79 0.78 8.82
O6 NAG F . 1.88 3.00 9.92
O7 NAG F . 1.32 0.84 4.02
C1 NAG G . 0.98 -29.06 11.13
C2 NAG G . 1.38 -27.88 12.01
C3 NAG G . 2.87 -27.92 12.32
C4 NAG G . 3.25 -29.28 12.91
C5 NAG G . 2.78 -30.39 11.99
C6 NAG G . 3.01 -31.77 12.55
C7 NAG G . 0.57 -25.56 12.06
C8 NAG G . 0.26 -24.33 11.25
N2 NAG G . 1.03 -26.61 11.38
O3 NAG G . 3.21 -26.89 13.23
O4 NAG G . 4.68 -29.35 13.07
O5 NAG G . 1.37 -30.27 11.76
O6 NAG G . 3.06 -32.75 11.52
O7 NAG G . 0.40 -25.59 13.27
C1 NAG G . 5.05 -29.68 14.42
C2 NAG G . 6.37 -30.41 14.37
C3 NAG G . 6.95 -30.61 15.78
C4 NAG G . 5.98 -30.19 16.89
C5 NAG G . 5.19 -28.90 16.61
C6 NAG G . 5.72 -27.70 17.35
C7 NAG G . 7.05 -32.07 12.70
C8 NAG G . 6.77 -33.43 12.10
N2 NAG G . 6.23 -31.70 13.70
O3 NAG G . 8.18 -29.91 15.90
O4 NAG G . 5.10 -31.25 17.23
O5 NAG G . 5.18 -28.58 15.22
O6 NAG G . 6.22 -26.72 16.45
O7 NAG G . 7.96 -31.36 12.31
C1 NAG H . -25.90 31.64 28.31
C2 NAG H . -26.24 30.69 29.45
C3 NAG H . -26.53 31.48 30.72
C4 NAG H . -25.39 32.46 31.02
C5 NAG H . -25.02 33.28 29.79
C6 NAG H . -23.77 34.10 29.98
C7 NAG H . -27.57 28.63 29.61
C8 NAG H . -28.80 27.91 29.14
N2 NAG H . -27.38 29.85 29.10
O3 NAG H . -26.72 30.60 31.80
O4 NAG H . -25.81 33.35 32.05
O5 NAG H . -24.77 32.41 28.66
O6 NAG H . -23.14 34.41 28.74
O7 NAG H . -26.79 28.12 30.40
C1 NAG H . -24.98 33.21 33.21
C2 NAG H . -25.28 34.38 34.16
C3 NAG H . -24.42 34.27 35.42
C4 NAG H . -24.59 32.90 36.06
C5 NAG H . -24.32 31.80 35.03
C6 NAG H . -24.58 30.42 35.56
C7 NAG H . -26.04 36.34 32.90
C8 NAG H . -25.65 37.64 32.27
N2 NAG H . -25.07 35.66 33.50
O3 NAG H . -24.80 35.28 36.34
O4 NAG H . -23.68 32.76 37.14
O5 NAG H . -25.19 31.98 33.90
O6 NAG H . -23.54 29.52 35.19
O7 NAG H . -27.19 35.93 32.85
C1 NAG I . -15.97 38.86 0.07
C2 NAG I . -16.03 38.67 -1.44
C3 NAG I . -15.60 39.95 -2.13
C4 NAG I . -16.46 41.12 -1.65
C5 NAG I . -16.43 41.20 -0.12
C6 NAG I . -17.37 42.24 0.44
C7 NAG I . -15.71 36.32 -2.04
C8 NAG I . -14.74 35.27 -2.49
N2 NAG I . -15.21 37.55 -1.87
O3 NAG I . -15.72 39.80 -3.54
O4 NAG I . -15.99 42.34 -2.21
O5 NAG I . -16.82 39.94 0.46
O6 NAG I . -18.72 41.82 0.34
O7 NAG I . -16.89 36.07 -1.83
C1 NAG I . -17.02 42.81 -3.09
C2 NAG I . -16.68 44.22 -3.59
C3 NAG I . -17.78 44.73 -4.52
C4 NAG I . -18.05 43.71 -5.63
C5 NAG I . -18.31 42.33 -5.03
C6 NAG I . -18.47 41.26 -6.08
C7 NAG I . -15.39 45.19 -1.73
C8 NAG I . -15.38 46.20 -0.62
N2 NAG I . -16.50 45.14 -2.47
O3 NAG I . -17.40 45.97 -5.09
O4 NAG I . -19.19 44.11 -6.38
O5 NAG I . -17.20 41.95 -4.20
O6 NAG I . -19.42 40.28 -5.69
O7 NAG I . -14.43 44.45 -1.95
C1 NAG J . -8.85 -38.79 22.40
C2 NAG J . -9.53 -40.12 22.72
C3 NAG J . -10.15 -40.07 24.12
C4 NAG J . -9.10 -39.67 25.15
C5 NAG J . -8.45 -38.35 24.73
C6 NAG J . -7.32 -37.93 25.64
C7 NAG J . -10.83 -41.68 21.34
C8 NAG J . -11.91 -41.83 20.32
N2 NAG J . -10.55 -40.43 21.73
O3 NAG J . -10.67 -41.36 24.46
O4 NAG J . -9.69 -39.51 26.43
O5 NAG J . -7.89 -38.49 23.42
O6 NAG J . -6.71 -36.72 25.18
O7 NAG J . -10.23 -42.66 21.79
#